data_7X0O
#
_entry.id   7X0O
#
_cell.length_a   67.810
_cell.length_b   80.060
_cell.length_c   170.350
_cell.angle_alpha   90.000
_cell.angle_beta   90.000
_cell.angle_gamma   90.000
#
_symmetry.space_group_name_H-M   'P 21 21 21'
#
loop_
_entity.id
_entity.type
_entity.pdbx_description
1 polymer CbpC
2 water water
#
_entity_poly.entity_id   1
_entity_poly.type   'polypeptide(L)'
_entity_poly.pdbx_seq_one_letter_code
;SSGSRDDTQDVIGGKIVMYAAPGDNVQSEIRNIVRSKYPNVEFQVVSFNNADEFKSRLLTELMAGEGPDVIVLSPSTKKG
SITIETMRKLVESGVFCDLEPYISKDESINLSEYNETVLNSGVINGKRYFIPIAYDVPIFWTANSILEENNIKDEIANWT
LKDMADFAVQFKEKNSDNYLFGYGDGFIRNIMYANWREFVDYENKQASFDSQEFVEFLEAIGAIEKAGICDEKLIKEYTG
MEFEALKHGKITLISSTEYPINPWELWYRNSHINYYFNPDSIRLSKFPTFGDLGRIVAHPTDIVAINKNSKNKATAYEVL
KVFLSKEIQSSQQFRDRMGIPVNDEAIRELIEKYSGEEGKTTLPVGMTINETMDTVPLPESVVAEYNSIINGVTECVLVD
EQIIDFMIEGFNEYKNGKMSAKDAARMVQQKVNLFLNE
;
_entity_poly.pdbx_strand_id   A,B
#
# COMPACT_ATOMS: atom_id res chain seq x y z
N VAL A 11 20.12 -23.45 38.03
CA VAL A 11 19.02 -22.70 38.62
C VAL A 11 18.29 -21.91 37.54
N ILE A 12 17.04 -22.27 37.28
CA ILE A 12 16.22 -21.59 36.28
C ILE A 12 15.43 -20.51 36.99
N GLY A 13 15.78 -19.25 36.71
CA GLY A 13 15.09 -18.14 37.33
C GLY A 13 15.75 -16.83 36.94
N GLY A 14 15.35 -15.78 37.64
CA GLY A 14 15.86 -14.47 37.36
C GLY A 14 15.09 -13.75 36.28
N LYS A 15 15.64 -12.62 35.86
CA LYS A 15 14.98 -11.78 34.88
C LYS A 15 15.23 -12.27 33.46
N ILE A 16 14.18 -12.25 32.65
CA ILE A 16 14.28 -12.55 31.21
C ILE A 16 13.59 -11.40 30.49
N VAL A 17 14.37 -10.62 29.73
CA VAL A 17 13.84 -9.52 28.95
C VAL A 17 13.54 -10.03 27.54
N MET A 18 12.33 -9.74 27.05
CA MET A 18 12.00 -10.02 25.66
C MET A 18 11.03 -8.95 25.15
N TYR A 19 11.15 -8.64 23.86
CA TYR A 19 10.34 -7.64 23.20
C TYR A 19 9.21 -8.30 22.42
N ALA A 20 8.07 -7.61 22.37
CA ALA A 20 6.88 -8.10 21.68
C ALA A 20 6.60 -7.20 20.47
N ALA A 21 6.56 -7.80 19.28
CA ALA A 21 6.18 -7.09 18.08
C ALA A 21 4.71 -6.70 18.16
N PRO A 22 4.28 -5.73 17.33
CA PRO A 22 2.89 -5.21 17.46
C PRO A 22 1.79 -6.25 17.59
N GLY A 23 1.73 -7.22 16.68
CA GLY A 23 0.61 -8.14 16.68
C GLY A 23 0.81 -9.42 17.47
N ASP A 24 1.82 -9.43 18.35
CA ASP A 24 2.20 -10.67 19.01
C ASP A 24 1.13 -11.14 19.97
N ASN A 25 0.74 -12.41 19.85
CA ASN A 25 -0.18 -13.06 20.78
C ASN A 25 0.33 -14.40 21.29
N VAL A 26 1.51 -14.83 20.84
CA VAL A 26 2.06 -16.12 21.23
C VAL A 26 2.94 -16.02 22.47
N GLN A 27 3.64 -14.90 22.66
CA GLN A 27 4.57 -14.78 23.79
C GLN A 27 3.85 -14.86 25.12
N SER A 28 2.61 -14.37 25.19
CA SER A 28 1.84 -14.49 26.42
C SER A 28 1.56 -15.96 26.76
N GLU A 29 1.42 -16.81 25.74
CA GLU A 29 1.32 -18.25 25.98
C GLU A 29 2.61 -18.78 26.58
N ILE A 30 3.74 -18.41 25.97
CA ILE A 30 5.05 -18.89 26.41
C ILE A 30 5.29 -18.55 27.87
N ARG A 31 4.99 -17.31 28.26
CA ARG A 31 5.24 -16.88 29.63
C ARG A 31 4.48 -17.72 30.64
N ASN A 32 3.20 -18.01 30.36
CA ASN A 32 2.41 -18.82 31.29
C ASN A 32 2.96 -20.23 31.42
N ILE A 33 3.32 -20.85 30.29
CA ILE A 33 3.91 -22.19 30.34
C ILE A 33 5.26 -22.15 31.03
N VAL A 34 6.10 -21.17 30.67
CA VAL A 34 7.41 -21.05 31.29
C VAL A 34 7.28 -20.81 32.78
N ARG A 35 6.29 -20.01 33.19
CA ARG A 35 6.06 -19.75 34.61
C ARG A 35 5.34 -20.90 35.31
N SER A 36 4.71 -21.82 34.57
CA SER A 36 4.11 -22.99 35.21
C SER A 36 5.18 -23.87 35.82
N LYS A 37 6.15 -24.29 35.01
CA LYS A 37 7.44 -24.69 35.57
C LYS A 37 8.17 -23.43 36.06
N TYR A 38 9.32 -23.63 36.70
CA TYR A 38 10.20 -22.55 37.14
C TYR A 38 9.47 -21.27 37.54
N PRO A 39 8.78 -21.26 38.68
CA PRO A 39 8.01 -20.07 39.07
C PRO A 39 8.85 -18.86 39.43
N ASN A 40 10.18 -18.95 39.37
CA ASN A 40 11.06 -17.84 39.73
C ASN A 40 11.50 -17.02 38.52
N VAL A 41 11.09 -17.41 37.32
CA VAL A 41 11.45 -16.64 36.13
C VAL A 41 10.67 -15.33 36.12
N GLU A 42 11.40 -14.21 36.10
CA GLU A 42 10.81 -12.88 36.09
C GLU A 42 10.84 -12.33 34.66
N PHE A 43 9.68 -12.28 34.01
CA PHE A 43 9.59 -11.75 32.65
C PHE A 43 9.42 -10.24 32.69
N GLN A 44 10.29 -9.54 31.97
CA GLN A 44 10.17 -8.10 31.74
C GLN A 44 9.85 -7.90 30.26
N VAL A 45 8.59 -7.63 29.96
CA VAL A 45 8.10 -7.55 28.59
C VAL A 45 8.05 -6.09 28.16
N VAL A 46 8.60 -5.82 26.97
CA VAL A 46 8.46 -4.52 26.31
C VAL A 46 7.61 -4.76 25.08
N SER A 47 6.40 -4.20 25.08
CA SER A 47 5.49 -4.33 23.95
C SER A 47 5.63 -3.10 23.05
N PHE A 48 5.48 -3.33 21.75
CA PHE A 48 5.60 -2.28 20.75
C PHE A 48 4.31 -2.17 19.95
N ASN A 49 3.89 -0.94 19.67
CA ASN A 49 2.73 -0.69 18.83
C ASN A 49 3.10 -0.20 17.44
N ASN A 50 4.37 0.11 17.19
CA ASN A 50 4.85 0.57 15.89
C ASN A 50 5.87 -0.41 15.36
N ALA A 51 5.71 -0.81 14.10
CA ALA A 51 6.58 -1.82 13.53
C ALA A 51 7.99 -1.29 13.31
N ASP A 52 8.12 -0.03 12.89
CA ASP A 52 9.44 0.52 12.64
C ASP A 52 10.21 0.77 13.94
N GLU A 53 9.52 1.10 15.03
CA GLU A 53 10.19 1.26 16.31
C GLU A 53 10.67 -0.07 16.87
N PHE A 54 9.91 -1.15 16.65
CA PHE A 54 10.35 -2.46 17.08
C PHE A 54 11.63 -2.89 16.36
N LYS A 55 11.61 -2.85 15.02
CA LYS A 55 12.76 -3.32 14.25
C LYS A 55 13.98 -2.44 14.49
N SER A 56 13.78 -1.12 14.58
CA SER A 56 14.91 -0.21 14.79
C SER A 56 15.56 -0.43 16.14
N ARG A 57 14.76 -0.53 17.20
CA ARG A 57 15.32 -0.66 18.54
C ARG A 57 15.97 -2.02 18.75
N LEU A 58 15.35 -3.09 18.26
CA LEU A 58 15.90 -4.42 18.47
C LEU A 58 17.23 -4.60 17.74
N LEU A 59 17.27 -4.25 16.46
CA LEU A 59 18.48 -4.49 15.67
C LEU A 59 19.63 -3.61 16.13
N THR A 60 19.36 -2.33 16.39
CA THR A 60 20.42 -1.44 16.84
C THR A 60 20.99 -1.88 18.18
N GLU A 61 20.13 -2.37 19.08
CA GLU A 61 20.60 -2.82 20.39
C GLU A 61 21.47 -4.07 20.27
N LEU A 62 21.05 -5.03 19.42
CA LEU A 62 21.84 -6.24 19.24
C LEU A 62 23.23 -5.93 18.70
N MET A 63 23.30 -5.06 17.69
CA MET A 63 24.59 -4.70 17.11
C MET A 63 25.41 -3.79 18.01
N ALA A 64 24.85 -3.32 19.11
CA ALA A 64 25.59 -2.55 20.11
C ALA A 64 25.85 -3.34 21.38
N GLY A 65 25.56 -4.65 21.35
CA GLY A 65 25.78 -5.51 22.51
C GLY A 65 24.69 -5.49 23.54
N GLU A 66 23.52 -4.93 23.23
CA GLU A 66 22.42 -4.86 24.16
C GLU A 66 21.25 -5.69 23.62
N GLY A 67 20.03 -5.38 24.07
CA GLY A 67 18.86 -6.06 23.59
C GLY A 67 18.31 -7.06 24.59
N PRO A 68 17.21 -7.72 24.23
CA PRO A 68 16.58 -8.67 25.15
C PRO A 68 17.33 -9.99 25.21
N ASP A 69 17.01 -10.77 26.26
CA ASP A 69 17.66 -12.06 26.45
C ASP A 69 17.22 -13.07 25.39
N VAL A 70 15.92 -13.12 25.09
CA VAL A 70 15.36 -14.02 24.09
C VAL A 70 14.75 -13.20 22.99
N ILE A 71 15.09 -13.51 21.74
CA ILE A 71 14.68 -12.75 20.57
C ILE A 71 13.71 -13.59 19.76
N VAL A 72 12.53 -13.03 19.49
CA VAL A 72 11.53 -13.64 18.61
C VAL A 72 11.37 -12.74 17.40
N LEU A 73 11.64 -13.29 16.22
CA LEU A 73 11.63 -12.52 14.98
C LEU A 73 10.83 -13.22 13.90
N SER A 74 10.23 -12.42 13.02
CA SER A 74 9.58 -12.88 11.79
C SER A 74 10.23 -12.14 10.63
N PRO A 75 11.40 -12.60 10.16
CA PRO A 75 12.22 -11.78 9.28
C PRO A 75 11.91 -11.85 7.80
N SER A 76 11.03 -12.76 7.37
CA SER A 76 10.71 -12.87 5.95
C SER A 76 9.56 -11.95 5.56
N THR A 77 8.71 -12.40 4.63
CA THR A 77 7.71 -11.53 4.01
C THR A 77 6.28 -12.06 4.15
N LYS A 78 6.03 -12.97 5.09
CA LYS A 78 4.64 -13.38 5.33
C LYS A 78 3.85 -12.21 5.93
N LYS A 79 2.54 -12.42 6.07
CA LYS A 79 1.61 -11.31 6.27
C LYS A 79 2.04 -10.37 7.39
N GLY A 80 2.14 -10.90 8.61
CA GLY A 80 2.45 -10.04 9.75
C GLY A 80 3.92 -9.89 10.06
N SER A 81 4.78 -10.02 9.04
CA SER A 81 6.21 -10.03 9.29
C SER A 81 6.77 -8.62 9.44
N ILE A 82 7.90 -8.53 10.15
CA ILE A 82 8.74 -7.35 10.12
C ILE A 82 9.97 -7.71 9.29
N THR A 83 9.91 -7.42 7.99
CA THR A 83 10.95 -7.89 7.08
C THR A 83 12.28 -7.23 7.40
N ILE A 84 13.33 -8.05 7.49
CA ILE A 84 14.69 -7.58 7.76
C ILE A 84 15.54 -7.89 6.54
N GLU A 85 16.30 -6.90 6.08
CA GLU A 85 16.94 -6.97 4.76
C GLU A 85 18.11 -7.93 4.74
N THR A 86 18.92 -7.96 5.79
CA THR A 86 20.14 -8.76 5.84
C THR A 86 20.18 -9.61 7.11
N MET A 87 19.12 -10.41 7.29
CA MET A 87 19.01 -11.23 8.49
C MET A 87 20.17 -12.23 8.58
N ARG A 88 20.54 -12.85 7.46
CA ARG A 88 21.62 -13.83 7.50
C ARG A 88 22.95 -13.19 7.85
N LYS A 89 23.23 -12.02 7.29
CA LYS A 89 24.45 -11.30 7.66
C LYS A 89 24.43 -10.86 9.12
N LEU A 90 23.25 -10.51 9.63
CA LEU A 90 23.13 -10.15 11.04
C LEU A 90 23.45 -11.34 11.94
N VAL A 91 22.97 -12.52 11.56
CA VAL A 91 23.28 -13.73 12.32
C VAL A 91 24.77 -14.03 12.25
N GLU A 92 25.38 -13.84 11.08
CA GLU A 92 26.80 -14.11 10.92
C GLU A 92 27.69 -13.18 11.72
N SER A 93 27.20 -12.00 12.10
CA SER A 93 27.98 -11.10 12.92
C SER A 93 28.10 -11.57 14.37
N GLY A 94 27.29 -12.55 14.78
CA GLY A 94 27.41 -13.11 16.10
C GLY A 94 26.61 -12.43 17.18
N VAL A 95 25.46 -11.84 16.82
CA VAL A 95 24.63 -11.21 17.84
C VAL A 95 23.92 -12.25 18.70
N PHE A 96 23.87 -13.50 18.24
CA PHE A 96 23.30 -14.60 19.01
C PHE A 96 24.38 -15.61 19.36
N CYS A 97 24.20 -16.28 20.49
CA CYS A 97 25.15 -17.30 20.91
C CYS A 97 24.83 -18.64 20.25
N ASP A 98 25.82 -19.53 20.25
CA ASP A 98 25.62 -20.87 19.74
C ASP A 98 24.72 -21.66 20.68
N LEU A 99 23.72 -22.32 20.11
CA LEU A 99 22.77 -23.09 20.90
C LEU A 99 23.18 -24.54 21.09
N GLU A 100 24.23 -25.00 20.42
CA GLU A 100 24.66 -26.39 20.55
C GLU A 100 25.05 -26.78 21.96
N PRO A 101 25.81 -25.99 22.74
CA PRO A 101 26.10 -26.41 24.12
C PRO A 101 24.86 -26.67 24.97
N TYR A 102 23.74 -26.04 24.65
CA TYR A 102 22.51 -26.24 25.41
C TYR A 102 21.72 -27.44 24.91
N ILE A 103 21.70 -27.63 23.59
CA ILE A 103 21.00 -28.79 23.03
C ILE A 103 21.74 -30.07 23.36
N SER A 104 23.08 -30.04 23.33
CA SER A 104 23.86 -31.22 23.66
C SER A 104 23.69 -31.62 25.12
N LYS A 105 23.73 -30.65 26.04
CA LYS A 105 23.62 -30.94 27.46
C LYS A 105 22.21 -31.35 27.87
N ASP A 106 21.22 -31.16 27.01
CA ASP A 106 19.81 -31.30 27.38
C ASP A 106 19.33 -32.68 26.94
N GLU A 107 19.05 -33.55 27.91
CA GLU A 107 18.43 -34.84 27.62
C GLU A 107 16.99 -34.68 27.20
N SER A 108 16.30 -33.68 27.75
CA SER A 108 14.86 -33.54 27.54
C SER A 108 14.49 -33.20 26.10
N ILE A 109 15.41 -32.67 25.30
CA ILE A 109 15.11 -32.30 23.92
C ILE A 109 15.70 -33.35 22.98
N ASN A 110 14.93 -33.69 21.95
CA ASN A 110 15.40 -34.62 20.91
C ASN A 110 14.97 -34.08 19.56
N LEU A 111 15.96 -33.80 18.70
CA LEU A 111 15.69 -33.15 17.41
C LEU A 111 14.94 -34.04 16.42
N SER A 112 14.77 -35.33 16.73
CA SER A 112 13.99 -36.21 15.85
C SER A 112 12.51 -35.85 15.86
N GLU A 113 12.04 -35.13 16.88
CA GLU A 113 10.63 -34.73 16.94
C GLU A 113 10.31 -33.59 16.00
N TYR A 114 11.31 -32.87 15.52
CA TYR A 114 11.09 -31.69 14.69
C TYR A 114 11.58 -31.93 13.26
N ASN A 115 11.17 -31.03 12.38
CA ASN A 115 11.61 -31.05 10.99
C ASN A 115 13.10 -30.69 10.95
N GLU A 116 13.95 -31.70 10.87
CA GLU A 116 15.39 -31.46 10.93
C GLU A 116 15.88 -30.67 9.72
N THR A 117 15.28 -30.90 8.55
CA THR A 117 15.68 -30.15 7.36
C THR A 117 15.44 -28.66 7.55
N VAL A 118 14.33 -28.30 8.19
CA VAL A 118 14.05 -26.89 8.45
C VAL A 118 14.91 -26.37 9.60
N LEU A 119 15.11 -27.19 10.63
CA LEU A 119 15.90 -26.75 11.77
C LEU A 119 17.34 -26.47 11.37
N ASN A 120 17.85 -27.17 10.36
CA ASN A 120 19.21 -26.95 9.88
C ASN A 120 19.41 -25.57 9.26
N SER A 121 18.32 -24.85 8.97
CA SER A 121 18.46 -23.46 8.52
C SER A 121 19.10 -22.59 9.58
N GLY A 122 18.95 -22.96 10.86
CA GLY A 122 19.61 -22.26 11.94
C GLY A 122 21.06 -22.62 12.16
N VAL A 123 21.59 -23.57 11.39
CA VAL A 123 23.00 -23.95 11.47
C VAL A 123 23.71 -23.23 10.34
N ILE A 124 24.40 -22.14 10.67
CA ILE A 124 25.16 -21.35 9.70
C ILE A 124 26.60 -21.26 10.20
N ASN A 125 27.55 -21.50 9.29
CA ASN A 125 28.98 -21.46 9.61
C ASN A 125 29.32 -22.40 10.79
N GLY A 126 28.66 -23.55 10.82
CA GLY A 126 28.94 -24.53 11.86
C GLY A 126 28.44 -24.20 13.25
N LYS A 127 27.49 -23.26 13.36
CA LYS A 127 26.96 -22.87 14.66
C LYS A 127 25.45 -22.78 14.58
N ARG A 128 24.76 -23.34 15.57
CA ARG A 128 23.31 -23.27 15.62
C ARG A 128 22.94 -21.94 16.26
N TYR A 129 22.86 -20.91 15.42
CA TYR A 129 22.64 -19.56 15.91
C TYR A 129 21.20 -19.31 16.32
N PHE A 130 20.24 -19.98 15.69
CA PHE A 130 18.84 -19.76 16.02
C PHE A 130 18.05 -21.03 15.80
N ILE A 131 16.82 -21.03 16.30
CA ILE A 131 15.86 -22.12 16.13
C ILE A 131 14.71 -21.60 15.28
N PRO A 132 14.53 -22.08 14.06
CA PRO A 132 13.33 -21.75 13.27
C PRO A 132 12.13 -22.52 13.78
N ILE A 133 11.13 -21.79 14.30
CA ILE A 133 9.91 -22.43 14.81
C ILE A 133 8.84 -22.58 13.74
N ALA A 134 8.97 -21.89 12.61
CA ALA A 134 8.02 -22.05 11.52
C ALA A 134 8.72 -21.68 10.21
N TYR A 135 8.16 -22.18 9.11
CA TYR A 135 8.77 -22.01 7.80
C TYR A 135 7.68 -21.91 6.75
N ASP A 136 8.10 -21.73 5.50
CA ASP A 136 7.19 -21.68 4.38
C ASP A 136 7.84 -22.32 3.17
N VAL A 137 7.02 -22.92 2.31
CA VAL A 137 7.47 -23.52 1.06
C VAL A 137 6.69 -22.87 -0.08
N PRO A 138 7.35 -22.19 -1.01
CA PRO A 138 6.63 -21.58 -2.14
C PRO A 138 5.90 -22.62 -2.98
N ILE A 139 4.59 -22.43 -3.13
CA ILE A 139 3.73 -23.33 -3.90
C ILE A 139 2.74 -22.48 -4.67
N PHE A 140 2.14 -23.09 -5.70
CA PHE A 140 0.99 -22.50 -6.35
C PHE A 140 -0.18 -23.47 -6.33
N TRP A 141 -1.40 -22.92 -6.24
CA TRP A 141 -2.58 -23.73 -6.01
C TRP A 141 -3.77 -23.12 -6.73
N THR A 142 -4.80 -23.93 -6.89
CA THR A 142 -6.06 -23.53 -7.53
C THR A 142 -7.08 -24.63 -7.30
N ALA A 143 -8.26 -24.48 -7.90
CA ALA A 143 -9.28 -25.51 -7.85
C ALA A 143 -9.04 -26.56 -8.92
N ASN A 144 -9.42 -27.81 -8.61
CA ASN A 144 -9.18 -28.91 -9.54
C ASN A 144 -10.00 -28.76 -10.81
N SER A 145 -11.23 -28.25 -10.71
CA SER A 145 -12.07 -28.08 -11.89
C SER A 145 -11.53 -27.00 -12.82
N ILE A 146 -10.77 -26.04 -12.28
CA ILE A 146 -10.14 -25.05 -13.14
C ILE A 146 -8.97 -25.67 -13.88
N LEU A 147 -8.28 -26.63 -13.25
CA LEU A 147 -7.22 -27.36 -13.95
C LEU A 147 -7.79 -28.19 -15.09
N GLU A 148 -8.94 -28.83 -14.88
CA GLU A 148 -9.52 -29.67 -15.92
C GLU A 148 -10.08 -28.83 -17.06
N GLU A 149 -10.55 -27.61 -16.76
CA GLU A 149 -11.02 -26.70 -17.80
C GLU A 149 -9.89 -26.20 -18.68
N ASN A 150 -8.66 -26.18 -18.15
CA ASN A 150 -7.48 -25.81 -18.91
C ASN A 150 -6.66 -27.02 -19.34
N ASN A 151 -7.17 -28.23 -19.10
CA ASN A 151 -6.55 -29.48 -19.56
C ASN A 151 -5.14 -29.65 -19.00
N ILE A 152 -4.94 -29.27 -17.74
CA ILE A 152 -3.64 -29.40 -17.10
C ILE A 152 -3.80 -30.01 -15.72
N LYS A 153 -4.82 -30.85 -15.56
CA LYS A 153 -5.08 -31.47 -14.26
C LYS A 153 -3.95 -32.40 -13.84
N ASP A 154 -3.33 -33.08 -14.81
CA ASP A 154 -2.31 -34.09 -14.53
C ASP A 154 -0.91 -33.63 -14.91
N GLU A 155 -0.73 -32.37 -15.31
CA GLU A 155 0.57 -31.90 -15.79
C GLU A 155 1.22 -30.82 -14.93
N ILE A 156 0.48 -30.13 -14.06
CA ILE A 156 1.09 -29.04 -13.30
C ILE A 156 2.04 -29.57 -12.24
N ALA A 157 1.86 -30.82 -11.80
CA ALA A 157 2.74 -31.37 -10.78
C ALA A 157 4.13 -31.65 -11.35
N ASN A 158 4.23 -31.93 -12.65
CA ASN A 158 5.49 -32.16 -13.32
C ASN A 158 5.92 -30.99 -14.19
N TRP A 159 5.42 -29.79 -13.90
CA TRP A 159 5.76 -28.61 -14.69
C TRP A 159 7.17 -28.13 -14.41
N THR A 160 7.89 -27.75 -15.46
CA THR A 160 9.11 -26.96 -15.34
C THR A 160 8.74 -25.48 -15.45
N LEU A 161 9.73 -24.60 -15.19
CA LEU A 161 9.43 -23.18 -15.30
C LEU A 161 9.18 -22.78 -16.75
N LYS A 162 9.76 -23.50 -17.71
CA LYS A 162 9.47 -23.21 -19.10
C LYS A 162 8.15 -23.82 -19.54
N ASP A 163 7.72 -24.93 -18.92
CA ASP A 163 6.38 -25.42 -19.17
C ASP A 163 5.32 -24.46 -18.66
N MET A 164 5.61 -23.76 -17.56
CA MET A 164 4.67 -22.77 -17.03
C MET A 164 4.63 -21.53 -17.90
N ALA A 165 5.79 -21.08 -18.38
CA ALA A 165 5.83 -19.93 -19.28
C ALA A 165 5.11 -20.23 -20.59
N ASP A 166 5.29 -21.45 -21.11
CA ASP A 166 4.63 -21.81 -22.36
C ASP A 166 3.12 -21.93 -22.18
N PHE A 167 2.66 -22.33 -20.99
CA PHE A 167 1.23 -22.26 -20.71
C PHE A 167 0.77 -20.82 -20.57
N ALA A 168 1.62 -19.94 -20.07
CA ALA A 168 1.22 -18.54 -19.88
C ALA A 168 1.09 -17.80 -21.20
N VAL A 169 2.00 -18.08 -22.16
CA VAL A 169 1.88 -17.48 -23.48
C VAL A 169 0.62 -17.99 -24.18
N GLN A 170 0.39 -19.30 -24.12
CA GLN A 170 -0.84 -19.85 -24.70
C GLN A 170 -2.07 -19.34 -23.99
N PHE A 171 -1.98 -19.11 -22.67
CA PHE A 171 -3.10 -18.54 -21.93
C PHE A 171 -3.31 -17.07 -22.28
N LYS A 172 -2.21 -16.31 -22.40
CA LYS A 172 -2.32 -14.90 -22.72
C LYS A 172 -2.95 -14.70 -24.09
N GLU A 173 -2.64 -15.59 -25.03
CA GLU A 173 -3.26 -15.56 -26.34
C GLU A 173 -4.69 -16.08 -26.31
N LYS A 174 -5.06 -16.82 -25.26
CA LYS A 174 -6.43 -17.30 -25.10
C LYS A 174 -7.28 -16.32 -24.29
N ASN A 175 -6.82 -15.99 -23.07
CA ASN A 175 -7.53 -15.08 -22.17
C ASN A 175 -6.84 -13.72 -22.24
N SER A 176 -7.50 -12.74 -22.86
CA SER A 176 -6.99 -11.38 -22.96
C SER A 176 -7.88 -10.37 -22.23
N ASP A 177 -8.35 -10.73 -21.03
CA ASP A 177 -9.03 -9.77 -20.15
C ASP A 177 -9.06 -10.29 -18.72
N ASN A 178 -8.34 -11.39 -18.46
CA ASN A 178 -8.23 -11.92 -17.12
C ASN A 178 -6.77 -12.20 -16.83
N TYR A 179 -6.44 -12.19 -15.55
CA TYR A 179 -5.08 -12.52 -15.12
C TYR A 179 -4.94 -14.03 -15.03
N LEU A 180 -3.74 -14.53 -15.29
CA LEU A 180 -3.48 -15.98 -15.13
C LEU A 180 -3.12 -16.24 -13.66
N PHE A 181 -2.41 -15.33 -13.02
CA PHE A 181 -1.99 -15.54 -11.64
C PHE A 181 -2.44 -14.42 -10.70
N GLY A 182 -2.56 -14.79 -9.43
CA GLY A 182 -2.61 -13.83 -8.34
C GLY A 182 -1.80 -14.39 -7.18
N TYR A 183 -1.38 -13.50 -6.28
CA TYR A 183 -1.67 -12.07 -6.33
C TYR A 183 -0.56 -11.29 -5.63
N GLY A 184 -0.44 -10.01 -5.97
CA GLY A 184 0.50 -9.14 -5.30
C GLY A 184 1.96 -9.47 -5.62
N ASP A 185 2.85 -8.76 -4.90
CA ASP A 185 4.29 -8.94 -5.10
C ASP A 185 4.77 -10.29 -4.62
N GLY A 186 3.99 -10.98 -3.78
CA GLY A 186 4.42 -12.25 -3.24
C GLY A 186 4.55 -13.36 -4.26
N PHE A 187 3.90 -13.22 -5.41
CA PHE A 187 4.02 -14.25 -6.44
C PHE A 187 5.40 -14.25 -7.07
N ILE A 188 5.88 -13.08 -7.50
CA ILE A 188 7.20 -13.01 -8.11
C ILE A 188 8.29 -13.30 -7.09
N ARG A 189 8.09 -12.93 -5.83
CA ARG A 189 9.06 -13.28 -4.80
C ARG A 189 9.10 -14.79 -4.58
N ASN A 190 7.95 -15.45 -4.75
CA ASN A 190 7.92 -16.90 -4.63
C ASN A 190 8.75 -17.57 -5.72
N ILE A 191 8.78 -17.00 -6.92
CA ILE A 191 9.65 -17.53 -7.97
C ILE A 191 11.11 -17.34 -7.58
N MET A 192 11.43 -16.22 -6.92
CA MET A 192 12.79 -15.99 -6.47
C MET A 192 13.14 -16.87 -5.27
N TYR A 193 12.20 -17.04 -4.34
CA TYR A 193 12.43 -17.91 -3.19
C TYR A 193 12.76 -19.33 -3.63
N ALA A 194 12.13 -19.80 -4.71
CA ALA A 194 12.30 -21.17 -5.15
C ALA A 194 13.54 -21.37 -6.03
N ASN A 195 14.11 -20.29 -6.58
CA ASN A 195 15.17 -20.43 -7.57
C ASN A 195 16.45 -19.65 -7.24
N TRP A 196 16.51 -18.94 -6.12
CA TRP A 196 17.72 -18.19 -5.80
C TRP A 196 18.90 -19.13 -5.53
N ARG A 197 18.64 -20.29 -4.94
CA ARG A 197 19.71 -21.24 -4.63
C ARG A 197 20.41 -21.69 -5.90
N GLU A 198 19.73 -21.63 -7.05
CA GLU A 198 20.32 -22.04 -8.31
C GLU A 198 21.43 -21.10 -8.76
N PHE A 199 21.50 -19.89 -8.20
CA PHE A 199 22.44 -18.88 -8.67
C PHE A 199 23.34 -18.31 -7.58
N VAL A 200 23.19 -18.73 -6.33
CA VAL A 200 23.94 -18.15 -5.22
C VAL A 200 24.61 -19.29 -4.44
N ASP A 201 25.92 -19.16 -4.20
CA ASP A 201 26.71 -20.12 -3.44
C ASP A 201 27.25 -19.40 -2.20
N TYR A 202 26.50 -19.49 -1.09
CA TYR A 202 26.85 -18.77 0.12
C TYR A 202 28.19 -19.24 0.68
N GLU A 203 28.46 -20.53 0.62
CA GLU A 203 29.71 -21.07 1.17
C GLU A 203 30.93 -20.44 0.50
N ASN A 204 30.93 -20.38 -0.83
CA ASN A 204 32.06 -19.84 -1.57
C ASN A 204 31.91 -18.35 -1.86
N LYS A 205 30.80 -17.73 -1.47
CA LYS A 205 30.58 -16.29 -1.61
C LYS A 205 30.69 -15.83 -3.07
N GLN A 206 30.05 -16.58 -3.97
CA GLN A 206 30.01 -16.13 -5.35
C GLN A 206 28.69 -16.56 -5.99
N ALA A 207 28.32 -15.85 -7.05
CA ALA A 207 27.06 -16.06 -7.74
C ALA A 207 27.32 -16.27 -9.22
N SER A 208 26.34 -16.87 -9.89
CA SER A 208 26.39 -17.14 -11.32
C SER A 208 25.20 -16.51 -12.04
N PHE A 209 24.85 -15.27 -11.68
CA PHE A 209 23.75 -14.60 -12.35
C PHE A 209 24.12 -14.18 -13.76
N ASP A 210 25.41 -13.93 -14.01
CA ASP A 210 25.88 -13.61 -15.36
C ASP A 210 26.15 -14.91 -16.12
N SER A 211 25.05 -15.60 -16.42
CA SER A 211 25.10 -16.90 -17.05
C SER A 211 23.88 -17.03 -17.97
N GLN A 212 23.99 -17.94 -18.94
CA GLN A 212 22.88 -18.17 -19.85
C GLN A 212 21.66 -18.71 -19.13
N GLU A 213 21.85 -19.46 -18.05
CA GLU A 213 20.72 -20.00 -17.30
C GLU A 213 19.86 -18.88 -16.70
N PHE A 214 20.50 -17.86 -16.12
CA PHE A 214 19.72 -16.79 -15.50
C PHE A 214 19.06 -15.90 -16.54
N VAL A 215 19.67 -15.74 -17.71
CA VAL A 215 19.02 -14.97 -18.78
C VAL A 215 17.74 -15.66 -19.21
N GLU A 216 17.82 -16.98 -19.44
CA GLU A 216 16.62 -17.75 -19.75
C GLU A 216 15.65 -17.77 -18.58
N PHE A 217 16.17 -17.73 -17.34
CA PHE A 217 15.31 -17.63 -16.17
C PHE A 217 14.52 -16.32 -16.19
N LEU A 218 15.18 -15.21 -16.54
CA LEU A 218 14.49 -13.93 -16.64
C LEU A 218 13.48 -13.95 -17.78
N GLU A 219 13.85 -14.52 -18.93
CA GLU A 219 12.94 -14.60 -20.06
C GLU A 219 11.71 -15.42 -19.73
N ALA A 220 11.88 -16.49 -18.94
CA ALA A 220 10.75 -17.32 -18.55
C ALA A 220 9.80 -16.56 -17.64
N ILE A 221 10.33 -15.85 -16.64
CA ILE A 221 9.48 -15.03 -15.77
C ILE A 221 8.80 -13.92 -16.56
N GLY A 222 9.48 -13.39 -17.58
CA GLY A 222 8.88 -12.33 -18.38
C GLY A 222 7.63 -12.79 -19.10
N ALA A 223 7.66 -14.01 -19.66
CA ALA A 223 6.47 -14.55 -20.33
C ALA A 223 5.37 -14.86 -19.33
N ILE A 224 5.75 -15.27 -18.11
CA ILE A 224 4.77 -15.57 -17.07
C ILE A 224 4.05 -14.29 -16.64
N GLU A 225 4.80 -13.22 -16.43
CA GLU A 225 4.20 -11.97 -15.97
C GLU A 225 3.33 -11.32 -17.04
N LYS A 226 3.65 -11.54 -18.31
CA LYS A 226 2.84 -10.97 -19.39
C LYS A 226 1.43 -11.53 -19.42
N ALA A 227 1.22 -12.72 -18.84
CA ALA A 227 -0.13 -13.27 -18.73
C ALA A 227 -0.95 -12.61 -17.63
N GLY A 228 -0.32 -11.84 -16.75
CA GLY A 228 -1.04 -11.06 -15.77
C GLY A 228 -0.94 -11.57 -14.35
N ILE A 229 -0.52 -10.70 -13.44
CA ILE A 229 -0.53 -10.97 -12.00
C ILE A 229 -1.30 -9.83 -11.35
N CYS A 230 -2.50 -10.13 -10.84
CA CYS A 230 -3.32 -9.09 -10.26
C CYS A 230 -2.74 -8.61 -8.94
N ASP A 231 -3.00 -7.35 -8.63
CA ASP A 231 -2.43 -6.74 -7.43
C ASP A 231 -3.16 -7.22 -6.18
N GLU A 232 -2.51 -7.01 -5.04
CA GLU A 232 -3.13 -7.35 -3.76
C GLU A 232 -4.33 -6.45 -3.49
N LYS A 233 -4.34 -5.25 -4.06
CA LYS A 233 -5.45 -4.32 -3.86
C LYS A 233 -6.69 -4.74 -4.65
N LEU A 234 -6.53 -5.62 -5.63
CA LEU A 234 -7.69 -6.12 -6.37
C LEU A 234 -8.28 -7.40 -5.78
N ILE A 235 -7.55 -8.10 -4.92
CA ILE A 235 -8.10 -9.27 -4.26
C ILE A 235 -8.88 -8.92 -3.00
N LYS A 236 -8.46 -7.89 -2.26
CA LYS A 236 -9.19 -7.46 -1.07
C LYS A 236 -10.53 -6.85 -1.41
N GLU A 237 -10.73 -6.41 -2.66
CA GLU A 237 -12.04 -5.90 -3.07
C GLU A 237 -13.11 -6.97 -3.07
N TYR A 238 -12.74 -8.24 -3.13
CA TYR A 238 -13.72 -9.32 -3.17
C TYR A 238 -14.09 -9.75 -1.76
N THR A 239 -15.39 -9.96 -1.55
CA THR A 239 -15.86 -10.41 -0.24
C THR A 239 -15.36 -11.81 0.07
N GLY A 240 -15.29 -12.67 -0.93
CA GLY A 240 -14.74 -14.01 -0.80
C GLY A 240 -13.24 -14.09 -0.99
N MET A 241 -12.55 -12.96 -1.03
CA MET A 241 -11.09 -12.88 -1.13
C MET A 241 -10.67 -13.55 -2.44
N GLU A 242 -9.59 -14.33 -2.44
CA GLU A 242 -9.07 -14.91 -3.68
C GLU A 242 -9.96 -16.03 -4.21
N PHE A 243 -10.78 -16.65 -3.34
CA PHE A 243 -11.64 -17.73 -3.80
C PHE A 243 -12.76 -17.21 -4.68
N GLU A 244 -13.33 -16.04 -4.35
CA GLU A 244 -14.38 -15.46 -5.17
C GLU A 244 -13.83 -14.97 -6.50
N ALA A 245 -12.67 -14.30 -6.47
CA ALA A 245 -12.02 -13.90 -7.71
C ALA A 245 -11.65 -15.10 -8.57
N LEU A 246 -11.33 -16.24 -7.94
CA LEU A 246 -11.10 -17.47 -8.69
C LEU A 246 -12.40 -17.97 -9.31
N LYS A 247 -13.52 -17.81 -8.60
CA LYS A 247 -14.81 -18.24 -9.14
C LYS A 247 -15.23 -17.37 -10.32
N HIS A 248 -14.97 -16.07 -10.26
CA HIS A 248 -15.33 -15.15 -11.33
C HIS A 248 -14.37 -15.22 -12.51
N GLY A 249 -13.27 -15.96 -12.39
CA GLY A 249 -12.32 -16.07 -13.49
C GLY A 249 -11.28 -14.97 -13.56
N LYS A 250 -11.23 -14.08 -12.57
CA LYS A 250 -10.24 -13.01 -12.57
C LYS A 250 -8.82 -13.57 -12.48
N ILE A 251 -8.65 -14.65 -11.70
CA ILE A 251 -7.38 -15.35 -11.61
C ILE A 251 -7.63 -16.84 -11.88
N THR A 252 -6.55 -17.55 -12.19
CA THR A 252 -6.63 -18.98 -12.49
C THR A 252 -5.72 -19.81 -11.62
N LEU A 253 -4.46 -19.40 -11.46
CA LEU A 253 -3.52 -20.04 -10.56
C LEU A 253 -3.08 -19.04 -9.51
N ILE A 254 -2.95 -19.51 -8.26
CA ILE A 254 -2.67 -18.63 -7.13
C ILE A 254 -1.33 -19.02 -6.52
N SER A 255 -0.49 -18.02 -6.24
CA SER A 255 0.70 -18.20 -5.44
C SER A 255 0.94 -16.90 -4.69
N SER A 256 1.00 -16.98 -3.36
CA SER A 256 1.13 -15.80 -2.52
C SER A 256 2.04 -16.11 -1.34
N THR A 257 2.63 -15.05 -0.79
CA THR A 257 3.51 -15.14 0.36
C THR A 257 2.82 -14.85 1.68
N GLU A 258 1.61 -14.29 1.65
CA GLU A 258 0.95 -13.84 2.88
C GLU A 258 0.69 -14.98 3.84
N TYR A 259 0.24 -16.12 3.33
CA TYR A 259 -0.19 -17.23 4.19
C TYR A 259 0.61 -18.49 3.89
N PRO A 260 1.56 -18.87 4.75
CA PRO A 260 2.16 -20.20 4.61
C PRO A 260 1.10 -21.27 4.80
N ILE A 261 1.28 -22.39 4.12
CA ILE A 261 0.21 -23.40 4.02
C ILE A 261 0.37 -24.35 5.19
N ASN A 262 -0.11 -23.89 6.35
CA ASN A 262 -0.23 -24.76 7.51
C ASN A 262 -1.46 -25.65 7.35
N PRO A 263 -1.59 -26.71 8.16
CA PRO A 263 -2.76 -27.60 8.01
C PRO A 263 -4.10 -26.88 8.00
N TRP A 264 -4.24 -25.81 8.77
CA TRP A 264 -5.49 -25.05 8.77
C TRP A 264 -5.71 -24.36 7.43
N GLU A 265 -4.67 -23.71 6.89
CA GLU A 265 -4.80 -23.04 5.60
C GLU A 265 -5.21 -24.01 4.50
N LEU A 266 -4.67 -25.23 4.54
CA LEU A 266 -5.04 -26.23 3.55
C LEU A 266 -6.52 -26.58 3.65
N TRP A 267 -7.01 -26.82 4.86
CA TRP A 267 -8.41 -27.14 5.06
C TRP A 267 -9.29 -25.92 4.78
N TYR A 268 -8.80 -24.73 5.13
CA TYR A 268 -9.55 -23.49 4.87
C TYR A 268 -9.68 -23.27 3.37
N ARG A 269 -8.58 -23.41 2.62
CA ARG A 269 -8.64 -23.20 1.18
C ARG A 269 -9.47 -24.28 0.50
N ASN A 270 -9.33 -25.53 0.93
CA ASN A 270 -10.10 -26.62 0.32
C ASN A 270 -11.59 -26.44 0.57
N SER A 271 -11.95 -26.01 1.79
CA SER A 271 -13.36 -25.82 2.11
C SER A 271 -13.96 -24.65 1.33
N HIS A 272 -13.20 -23.55 1.22
CA HIS A 272 -13.69 -22.40 0.46
C HIS A 272 -13.82 -22.73 -1.02
N ILE A 273 -12.88 -23.50 -1.56
CA ILE A 273 -12.95 -23.90 -2.97
C ILE A 273 -14.15 -24.83 -3.19
N ASN A 274 -14.35 -25.78 -2.28
CA ASN A 274 -15.51 -26.66 -2.37
C ASN A 274 -16.82 -25.88 -2.26
N TYR A 275 -16.79 -24.70 -1.64
CA TYR A 275 -17.99 -23.88 -1.53
C TYR A 275 -18.35 -23.23 -2.87
N TYR A 276 -17.36 -22.71 -3.58
CA TYR A 276 -17.63 -21.99 -4.82
C TYR A 276 -17.74 -22.90 -6.04
N PHE A 277 -17.19 -24.11 -5.96
CA PHE A 277 -17.20 -25.00 -7.12
C PHE A 277 -17.87 -26.32 -6.75
N PRO A 279 -18.85 -29.11 -5.34
CA PRO A 279 -18.03 -30.32 -5.18
C PRO A 279 -16.66 -30.20 -5.86
N ASP A 280 -15.67 -29.69 -5.13
CA ASP A 280 -14.34 -29.53 -5.68
C ASP A 280 -13.32 -29.64 -4.56
N SER A 281 -12.05 -29.71 -4.94
CA SER A 281 -10.95 -29.81 -4.00
C SER A 281 -9.81 -28.90 -4.45
N ILE A 282 -8.95 -28.55 -3.51
CA ILE A 282 -7.76 -27.76 -3.82
C ILE A 282 -6.72 -28.66 -4.45
N ARG A 283 -5.99 -28.10 -5.42
CA ARG A 283 -4.84 -28.76 -6.02
C ARG A 283 -3.61 -27.90 -5.76
N LEU A 284 -2.56 -28.51 -5.23
CA LEU A 284 -1.32 -27.81 -4.94
C LEU A 284 -0.16 -28.45 -5.68
N SER A 285 0.90 -27.67 -5.80
CA SER A 285 2.10 -28.13 -6.48
C SER A 285 3.26 -27.26 -6.02
N LYS A 286 4.45 -27.85 -5.97
CA LYS A 286 5.65 -27.07 -5.75
C LYS A 286 5.84 -26.12 -6.94
N PHE A 287 6.65 -25.09 -6.73
CA PHE A 287 6.83 -24.10 -7.77
C PHE A 287 7.66 -24.67 -8.90
N PRO A 288 7.33 -24.37 -10.15
CA PRO A 288 8.17 -24.79 -11.27
C PRO A 288 9.56 -24.19 -11.15
N THR A 289 10.56 -25.06 -11.12
CA THR A 289 11.94 -24.67 -10.85
C THR A 289 12.83 -24.95 -12.05
N PHE A 290 13.99 -24.29 -12.07
CA PHE A 290 14.98 -24.45 -13.13
C PHE A 290 16.01 -25.51 -12.77
N GLY A 291 17.00 -25.66 -13.64
CA GLY A 291 18.18 -26.45 -13.37
C GLY A 291 18.01 -27.94 -13.58
N ASP A 292 19.16 -28.63 -13.54
CA ASP A 292 19.26 -30.07 -13.70
C ASP A 292 19.09 -30.83 -12.39
N LEU A 293 19.11 -30.13 -11.25
CA LEU A 293 19.01 -30.77 -9.95
C LEU A 293 17.57 -30.73 -9.45
N GLY A 294 17.30 -31.49 -8.40
CA GLY A 294 15.96 -31.55 -7.85
C GLY A 294 15.81 -30.83 -6.53
N ARG A 295 15.98 -29.51 -6.53
CA ARG A 295 15.88 -28.73 -5.31
C ARG A 295 14.45 -28.27 -5.10
N ILE A 296 13.96 -28.43 -3.88
CA ILE A 296 12.69 -27.88 -3.43
C ILE A 296 13.04 -27.11 -2.16
N VAL A 297 13.18 -25.79 -2.27
CA VAL A 297 13.80 -24.98 -1.24
C VAL A 297 12.72 -24.29 -0.41
N ALA A 298 12.80 -24.46 0.90
CA ALA A 298 12.00 -23.71 1.86
C ALA A 298 12.85 -22.64 2.53
N HIS A 299 12.19 -21.75 3.26
CA HIS A 299 12.89 -20.75 4.02
C HIS A 299 12.14 -20.51 5.32
N PRO A 300 12.86 -20.27 6.43
CA PRO A 300 12.18 -20.05 7.70
C PRO A 300 11.48 -18.69 7.73
N THR A 301 10.32 -18.65 8.37
CA THR A 301 9.58 -17.41 8.55
C THR A 301 9.56 -16.90 9.98
N ASP A 302 9.93 -17.75 10.94
CA ASP A 302 9.88 -17.39 12.36
C ASP A 302 11.03 -18.05 13.08
N ILE A 303 11.83 -17.27 13.80
CA ILE A 303 13.02 -17.76 14.47
C ILE A 303 13.04 -17.27 15.91
N VAL A 304 13.72 -18.02 16.77
CA VAL A 304 13.96 -17.64 18.15
C VAL A 304 15.44 -17.88 18.44
N ALA A 305 16.03 -16.99 19.24
CA ALA A 305 17.46 -17.09 19.54
C ALA A 305 17.72 -16.45 20.89
N ILE A 306 18.93 -16.69 21.40
CA ILE A 306 19.39 -16.15 22.68
C ILE A 306 20.45 -15.08 22.42
N ASN A 307 20.34 -13.96 23.12
CA ASN A 307 21.31 -12.89 22.99
C ASN A 307 22.70 -13.38 23.43
N LYS A 308 23.71 -13.03 22.64
CA LYS A 308 25.08 -13.42 22.99
C LYS A 308 25.53 -12.77 24.28
N ASN A 309 25.04 -11.56 24.59
CA ASN A 309 25.41 -10.84 25.79
C ASN A 309 24.42 -11.03 26.92
N SER A 310 23.56 -12.04 26.83
CA SER A 310 22.64 -12.33 27.92
C SER A 310 23.41 -12.86 29.13
N LYS A 311 23.08 -12.35 30.32
CA LYS A 311 23.66 -12.84 31.55
C LYS A 311 22.77 -13.87 32.23
N ASN A 312 21.72 -14.32 31.55
CA ASN A 312 20.81 -15.34 32.06
C ASN A 312 20.51 -16.38 31.00
N LYS A 313 21.58 -16.88 30.35
CA LYS A 313 21.41 -18.02 29.48
C LYS A 313 21.00 -19.24 30.29
N ALA A 314 20.69 -20.33 29.59
CA ALA A 314 20.11 -21.55 30.17
C ALA A 314 18.70 -21.30 30.65
N THR A 315 18.46 -20.24 31.44
CA THR A 315 17.09 -19.81 31.67
C THR A 315 16.46 -19.32 30.37
N ALA A 316 17.21 -18.55 29.58
CA ALA A 316 16.73 -18.14 28.27
C ALA A 316 16.52 -19.34 27.36
N TYR A 317 17.40 -20.35 27.46
CA TYR A 317 17.24 -21.56 26.67
C TYR A 317 15.97 -22.30 27.05
N GLU A 318 15.64 -22.32 28.34
CA GLU A 318 14.41 -22.97 28.79
C GLU A 318 13.19 -22.28 28.21
N VAL A 319 13.23 -20.95 28.09
CA VAL A 319 12.13 -20.23 27.47
C VAL A 319 12.07 -20.52 25.97
N LEU A 320 13.24 -20.67 25.34
CA LEU A 320 13.31 -20.89 23.90
C LEU A 320 12.66 -22.22 23.52
N LYS A 321 12.84 -23.25 24.35
CA LYS A 321 12.34 -24.58 24.01
C LYS A 321 10.81 -24.62 23.95
N VAL A 322 10.14 -23.82 24.78
CA VAL A 322 8.68 -23.84 24.83
C VAL A 322 8.10 -23.44 23.48
N PHE A 323 8.81 -22.60 22.72
CA PHE A 323 8.36 -22.25 21.37
C PHE A 323 8.29 -23.47 20.45
N LEU A 324 9.02 -24.54 20.76
CA LEU A 324 9.04 -25.74 19.94
C LEU A 324 8.04 -26.80 20.40
N SER A 325 7.41 -26.63 21.56
CA SER A 325 6.56 -27.66 22.12
C SER A 325 5.36 -27.92 21.22
N LYS A 326 4.90 -29.18 21.20
CA LYS A 326 3.73 -29.53 20.41
C LYS A 326 2.52 -28.69 20.79
N GLU A 327 2.41 -28.32 22.07
CA GLU A 327 1.26 -27.54 22.51
C GLU A 327 1.26 -26.15 21.90
N ILE A 328 2.41 -25.47 21.94
CA ILE A 328 2.49 -24.14 21.34
C ILE A 328 2.32 -24.22 19.82
N GLN A 329 3.03 -25.17 19.19
CA GLN A 329 3.05 -25.25 17.73
C GLN A 329 1.69 -25.60 17.14
N SER A 330 0.80 -26.22 17.92
CA SER A 330 -0.53 -26.56 17.46
C SER A 330 -1.60 -25.63 18.00
N SER A 331 -1.21 -24.53 18.64
CA SER A 331 -2.17 -23.61 19.25
C SER A 331 -2.83 -22.73 18.19
N GLN A 332 -3.94 -22.11 18.58
CA GLN A 332 -4.66 -21.21 17.68
C GLN A 332 -3.86 -19.96 17.37
N GLN A 333 -3.20 -19.38 18.38
CA GLN A 333 -2.38 -18.20 18.15
C GLN A 333 -1.23 -18.50 17.19
N PHE A 334 -0.59 -19.66 17.34
CA PHE A 334 0.49 -20.05 16.43
C PHE A 334 -0.02 -20.19 15.01
N ARG A 335 -1.24 -20.71 14.85
CA ARG A 335 -1.81 -20.88 13.51
C ARG A 335 -2.09 -19.54 12.84
N ASP A 336 -2.46 -18.52 13.62
CA ASP A 336 -2.86 -17.25 13.04
C ASP A 336 -1.67 -16.35 12.70
N ARG A 337 -0.54 -16.52 13.39
CA ARG A 337 0.56 -15.56 13.29
C ARG A 337 1.86 -16.15 12.78
N MET A 338 1.99 -17.49 12.73
CA MET A 338 3.24 -18.13 12.36
C MET A 338 3.05 -18.92 11.08
N GLY A 339 4.16 -19.41 10.54
CA GLY A 339 4.15 -20.23 9.35
C GLY A 339 3.84 -21.69 9.62
N ILE A 340 4.35 -22.55 8.76
CA ILE A 340 4.17 -23.99 8.90
C ILE A 340 5.01 -24.48 10.08
N PRO A 341 4.39 -25.12 11.07
CA PRO A 341 5.16 -25.56 12.25
C PRO A 341 6.22 -26.59 11.89
N VAL A 342 7.29 -26.60 12.70
CA VAL A 342 8.40 -27.54 12.51
C VAL A 342 8.31 -28.76 13.42
N ASN A 343 7.42 -28.74 14.41
CA ASN A 343 7.22 -29.89 15.29
C ASN A 343 6.38 -30.93 14.55
N ASP A 344 6.96 -32.12 14.33
CA ASP A 344 6.31 -33.11 13.49
C ASP A 344 5.02 -33.65 14.10
N GLU A 345 4.96 -33.73 15.43
CA GLU A 345 3.73 -34.22 16.07
C GLU A 345 2.59 -33.21 15.98
N ALA A 346 2.90 -31.92 16.03
CA ALA A 346 1.86 -30.90 15.87
C ALA A 346 1.22 -30.99 14.49
N ILE A 347 2.05 -31.05 13.44
CA ILE A 347 1.54 -31.22 12.09
C ILE A 347 0.73 -32.51 11.99
N ARG A 348 1.24 -33.59 12.59
CA ARG A 348 0.54 -34.87 12.57
C ARG A 348 -0.82 -34.77 13.25
N GLU A 349 -0.87 -34.10 14.40
CA GLU A 349 -2.13 -33.94 15.12
C GLU A 349 -3.10 -33.03 14.37
N LEU A 350 -2.58 -31.94 13.79
CA LEU A 350 -3.45 -30.98 13.11
C LEU A 350 -4.09 -31.59 11.86
N ILE A 351 -3.31 -32.31 11.06
CA ILE A 351 -3.86 -32.94 9.86
C ILE A 351 -4.93 -33.94 10.24
N GLU A 352 -4.70 -34.70 11.32
CA GLU A 352 -5.71 -35.64 11.80
C GLU A 352 -7.01 -34.93 12.17
N LYS A 353 -6.91 -33.72 12.74
CA LYS A 353 -8.10 -32.99 13.18
C LYS A 353 -8.95 -32.57 11.99
N TYR A 354 -8.33 -32.06 10.93
CA TYR A 354 -9.08 -31.58 9.78
C TYR A 354 -9.38 -32.67 8.77
N SER A 355 -8.87 -33.88 8.99
CA SER A 355 -9.21 -35.02 8.14
C SER A 355 -10.38 -35.82 8.68
N GLY A 356 -10.88 -35.49 9.88
CA GLY A 356 -11.97 -36.25 10.47
C GLY A 356 -13.20 -35.41 10.79
N GLU A 357 -13.91 -35.77 11.86
CA GLU A 357 -15.18 -35.12 12.16
C GLU A 357 -15.00 -33.65 12.50
N GLU A 358 -13.89 -33.28 13.14
CA GLU A 358 -13.67 -31.88 13.46
C GLU A 358 -13.47 -31.04 12.21
N GLY A 359 -13.15 -31.67 11.08
CA GLY A 359 -13.10 -31.00 9.80
C GLY A 359 -14.44 -30.77 9.14
N LYS A 360 -15.49 -31.43 9.64
CA LYS A 360 -16.85 -31.24 9.15
C LYS A 360 -17.53 -30.30 10.13
N THR A 361 -17.36 -29.00 9.89
CA THR A 361 -18.01 -27.97 10.70
C THR A 361 -18.52 -26.86 9.81
N THR A 362 -18.56 -25.64 10.32
CA THR A 362 -19.01 -24.47 9.55
C THR A 362 -17.95 -23.39 9.58
N LEU A 363 -17.80 -22.69 8.47
CA LEU A 363 -16.93 -21.52 8.34
C LEU A 363 -17.75 -20.34 7.85
N PRO A 364 -17.45 -19.11 8.32
CA PRO A 364 -18.21 -17.93 7.88
C PRO A 364 -17.99 -17.61 6.40
N THR A 372 -21.92 -17.64 5.90
CA THR A 372 -21.46 -18.91 6.45
C THR A 372 -21.50 -20.02 5.40
N MET A 373 -20.61 -20.99 5.54
CA MET A 373 -20.53 -22.11 4.61
C MET A 373 -20.30 -23.40 5.38
N ASP A 374 -20.67 -24.51 4.74
CA ASP A 374 -20.41 -25.83 5.29
C ASP A 374 -19.05 -26.32 4.83
N THR A 375 -18.24 -26.76 5.78
CA THR A 375 -16.91 -27.28 5.46
C THR A 375 -16.94 -28.79 5.30
N VAL A 376 -15.90 -29.31 4.67
CA VAL A 376 -15.73 -30.76 4.51
C VAL A 376 -14.36 -31.13 5.05
N PRO A 377 -14.17 -32.33 5.57
CA PRO A 377 -12.84 -32.76 5.99
C PRO A 377 -11.90 -32.84 4.80
N LEU A 378 -10.60 -32.77 5.09
CA LEU A 378 -9.59 -32.83 4.05
C LEU A 378 -9.68 -34.16 3.31
N PRO A 379 -9.80 -34.16 1.98
CA PRO A 379 -9.81 -35.42 1.25
C PRO A 379 -8.46 -36.10 1.31
N GLU A 380 -8.49 -37.43 1.23
CA GLU A 380 -7.25 -38.21 1.22
C GLU A 380 -6.33 -37.74 0.09
N SER A 381 -6.90 -37.39 -1.07
CA SER A 381 -6.09 -36.90 -2.18
C SER A 381 -5.34 -35.63 -1.82
N VAL A 382 -6.00 -34.72 -1.12
CA VAL A 382 -5.36 -33.44 -0.79
C VAL A 382 -4.27 -33.63 0.25
N VAL A 383 -4.50 -34.51 1.22
CA VAL A 383 -3.50 -34.76 2.26
C VAL A 383 -2.24 -35.37 1.65
N ALA A 384 -2.42 -36.27 0.67
CA ALA A 384 -1.27 -36.90 0.03
C ALA A 384 -0.47 -35.89 -0.80
N GLU A 385 -1.17 -34.97 -1.48
CA GLU A 385 -0.47 -33.95 -2.24
C GLU A 385 0.21 -32.96 -1.30
N TYR A 386 -0.44 -32.63 -0.19
CA TYR A 386 0.18 -31.79 0.83
C TYR A 386 1.42 -32.45 1.40
N ASN A 387 1.34 -33.74 1.74
CA ASN A 387 2.47 -34.43 2.33
C ASN A 387 3.62 -34.57 1.35
N SER A 388 3.32 -34.80 0.07
CA SER A 388 4.38 -34.90 -0.93
C SER A 388 5.19 -33.61 -1.06
N ILE A 389 4.58 -32.48 -0.72
CA ILE A 389 5.29 -31.20 -0.84
C ILE A 389 6.17 -30.94 0.38
N ILE A 390 5.59 -30.99 1.58
CA ILE A 390 6.37 -30.70 2.79
C ILE A 390 7.44 -31.77 3.01
N ASN A 391 7.13 -33.03 2.70
CA ASN A 391 8.14 -34.08 2.85
C ASN A 391 9.16 -34.07 1.71
N GLY A 392 8.86 -33.37 0.62
CA GLY A 392 9.77 -33.22 -0.49
C GLY A 392 10.78 -32.10 -0.38
N VAL A 393 10.67 -31.27 0.65
CA VAL A 393 11.62 -30.17 0.84
C VAL A 393 13.02 -30.75 0.97
N THR A 394 13.93 -30.31 0.09
CA THR A 394 15.28 -30.84 0.08
C THR A 394 16.24 -30.03 0.94
N GLU A 395 15.98 -28.74 1.12
CA GLU A 395 16.80 -27.92 2.01
C GLU A 395 16.03 -26.66 2.39
N CYS A 396 16.41 -26.09 3.52
CA CYS A 396 15.81 -24.86 4.04
C CYS A 396 16.93 -23.92 4.41
N VAL A 397 16.98 -22.76 3.76
CA VAL A 397 18.09 -21.83 3.89
C VAL A 397 17.53 -20.46 4.28
N LEU A 398 18.14 -19.85 5.29
CA LEU A 398 17.85 -18.45 5.59
C LEU A 398 18.55 -17.61 4.54
N VAL A 399 17.78 -16.98 3.67
CA VAL A 399 18.33 -16.19 2.58
C VAL A 399 18.21 -14.72 2.94
N ASP A 400 19.24 -13.95 2.64
CA ASP A 400 19.16 -12.50 2.78
C ASP A 400 18.09 -11.97 1.85
N GLU A 401 17.10 -11.27 2.40
CA GLU A 401 16.03 -10.73 1.58
C GLU A 401 16.55 -9.75 0.55
N GLN A 402 17.70 -9.12 0.83
CA GLN A 402 18.28 -8.17 -0.12
C GLN A 402 18.70 -8.87 -1.41
N ILE A 403 19.20 -10.10 -1.31
CA ILE A 403 19.55 -10.87 -2.50
C ILE A 403 18.31 -11.09 -3.37
N ILE A 404 17.20 -11.47 -2.74
CA ILE A 404 15.95 -11.65 -3.47
C ILE A 404 15.51 -10.35 -4.11
N ASP A 405 15.68 -9.24 -3.40
CA ASP A 405 15.30 -7.94 -3.96
C ASP A 405 16.18 -7.56 -5.14
N PHE A 406 17.46 -7.93 -5.11
CA PHE A 406 18.33 -7.66 -6.25
C PHE A 406 17.87 -8.42 -7.49
N MET A 407 17.42 -9.66 -7.29
CA MET A 407 16.94 -10.46 -8.43
C MET A 407 15.67 -9.86 -9.02
N ILE A 408 14.81 -9.28 -8.18
CA ILE A 408 13.56 -8.71 -8.67
C ILE A 408 13.81 -7.40 -9.41
N GLU A 409 14.62 -6.52 -8.82
CA GLU A 409 14.94 -5.26 -9.47
C GLU A 409 15.72 -5.49 -10.77
N GLY A 410 16.41 -6.63 -10.89
CA GLY A 410 17.00 -6.98 -12.17
C GLY A 410 15.98 -7.45 -13.17
N PHE A 411 15.00 -8.25 -12.72
CA PHE A 411 13.92 -8.67 -13.60
C PHE A 411 13.07 -7.49 -14.05
N ASN A 412 12.84 -6.53 -13.15
CA ASN A 412 12.01 -5.38 -13.51
C ASN A 412 12.68 -4.51 -14.56
N GLU A 413 14.01 -4.41 -14.53
CA GLU A 413 14.72 -3.67 -15.57
C GLU A 413 14.50 -4.32 -16.94
N TYR A 414 14.54 -5.65 -17.00
CA TYR A 414 14.29 -6.34 -18.26
C TYR A 414 12.81 -6.30 -18.62
N LYS A 415 11.93 -6.44 -17.63
CA LYS A 415 10.49 -6.42 -17.90
C LYS A 415 10.04 -5.05 -18.42
N ASN A 416 10.51 -3.98 -17.78
CA ASN A 416 10.12 -2.62 -18.15
C ASN A 416 10.87 -2.09 -19.37
N GLY A 417 11.58 -2.94 -20.09
CA GLY A 417 12.24 -2.50 -21.31
C GLY A 417 13.40 -1.56 -21.08
N LYS A 418 13.96 -1.54 -19.87
CA LYS A 418 15.09 -0.67 -19.57
C LYS A 418 16.42 -1.30 -19.94
N MET A 419 16.54 -2.62 -19.83
CA MET A 419 17.75 -3.34 -20.18
C MET A 419 17.37 -4.60 -20.94
N SER A 420 18.34 -5.15 -21.65
CA SER A 420 18.17 -6.48 -22.22
C SER A 420 18.32 -7.54 -21.12
N ALA A 421 17.95 -8.77 -21.47
CA ALA A 421 18.04 -9.87 -20.50
C ALA A 421 19.47 -10.11 -20.05
N LYS A 422 20.45 -9.92 -20.95
CA LYS A 422 21.84 -10.18 -20.60
C LYS A 422 22.46 -9.02 -19.82
N ASP A 423 21.97 -7.80 -20.02
CA ASP A 423 22.42 -6.67 -19.21
C ASP A 423 21.80 -6.69 -17.81
N ALA A 424 20.55 -7.15 -17.68
CA ALA A 424 19.95 -7.28 -16.36
C ALA A 424 20.56 -8.41 -15.56
N ALA A 425 20.94 -9.51 -16.22
CA ALA A 425 21.63 -10.58 -15.53
C ALA A 425 23.00 -10.12 -15.04
N ARG A 426 23.64 -9.24 -15.79
CA ARG A 426 24.96 -8.74 -15.39
C ARG A 426 24.86 -7.76 -14.23
N MET A 427 23.78 -6.99 -14.16
CA MET A 427 23.60 -6.06 -13.04
C MET A 427 23.32 -6.78 -11.74
N VAL A 428 22.49 -7.83 -11.79
CA VAL A 428 22.22 -8.64 -10.60
C VAL A 428 23.50 -9.32 -10.13
N GLN A 429 24.28 -9.86 -11.08
CA GLN A 429 25.54 -10.50 -10.72
C GLN A 429 26.47 -9.54 -10.01
N GLN A 430 26.51 -8.29 -10.46
CA GLN A 430 27.35 -7.29 -9.79
C GLN A 430 26.89 -7.05 -8.35
N LYS A 431 25.63 -6.66 -8.17
CA LYS A 431 25.16 -6.27 -6.85
C LYS A 431 25.22 -7.43 -5.86
N VAL A 432 24.93 -8.65 -6.32
CA VAL A 432 24.94 -9.79 -5.41
C VAL A 432 26.35 -10.20 -5.04
N ASN A 433 27.25 -10.22 -6.03
CA ASN A 433 28.64 -10.62 -5.76
C ASN A 433 29.31 -9.68 -4.76
N LEU A 434 29.04 -8.38 -4.89
CA LEU A 434 29.59 -7.42 -3.94
C LEU A 434 28.82 -7.38 -2.63
N PHE A 435 27.58 -7.91 -2.60
CA PHE A 435 26.90 -8.09 -1.34
C PHE A 435 27.45 -9.27 -0.56
N LEU A 436 27.83 -10.34 -1.26
CA LEU A 436 28.35 -11.53 -0.59
C LEU A 436 29.74 -11.28 -0.01
N ASN A 437 30.52 -10.39 -0.63
CA ASN A 437 31.88 -10.08 -0.22
C ASN A 437 31.94 -8.81 0.61
N GLU A 438 30.87 -8.54 1.37
CA GLU A 438 30.74 -7.36 2.22
C GLU A 438 30.50 -6.11 1.40
N VAL B 11 -9.37 44.46 21.20
CA VAL B 11 -8.08 44.11 21.79
C VAL B 11 -7.67 42.71 21.34
N ILE B 12 -6.61 42.63 20.56
CA ILE B 12 -6.09 41.37 20.05
C ILE B 12 -5.01 40.86 21.00
N GLY B 13 -5.30 39.75 21.68
CA GLY B 13 -4.36 39.19 22.62
C GLY B 13 -4.94 37.99 23.32
N GLY B 14 -4.26 37.55 24.37
CA GLY B 14 -4.70 36.42 25.14
C GLY B 14 -4.19 35.09 24.61
N LYS B 15 -4.77 34.03 25.17
CA LYS B 15 -4.35 32.68 24.82
C LYS B 15 -5.00 32.23 23.52
N ILE B 16 -4.21 31.60 22.66
CA ILE B 16 -4.70 30.96 21.44
C ILE B 16 -4.15 29.54 21.41
N VAL B 17 -5.04 28.55 21.51
CA VAL B 17 -4.65 27.15 21.45
C VAL B 17 -4.71 26.69 20.01
N MET B 18 -3.66 26.00 19.55
CA MET B 18 -3.65 25.40 18.23
C MET B 18 -2.95 24.04 18.30
N TYR B 19 -3.44 23.10 17.50
CA TYR B 19 -2.84 21.78 17.41
C TYR B 19 -2.02 21.70 16.13
N ALA B 20 -0.88 21.02 16.21
CA ALA B 20 0.02 20.88 15.07
C ALA B 20 0.10 19.42 14.66
N ALA B 21 -0.25 19.15 13.41
CA ALA B 21 -0.11 17.82 12.85
C ALA B 21 1.37 17.45 12.74
N PRO B 22 1.68 16.15 12.64
CA PRO B 22 3.10 15.74 12.65
C PRO B 22 4.03 16.54 11.74
N GLY B 23 3.68 16.72 10.48
CA GLY B 23 4.61 17.33 9.56
C GLY B 23 4.51 18.84 9.43
N ASP B 24 3.85 19.51 10.38
CA ASP B 24 3.53 20.92 10.21
C ASP B 24 4.79 21.78 10.21
N ASN B 25 4.88 22.66 9.21
CA ASN B 25 5.94 23.67 9.16
C ASN B 25 5.42 25.08 8.89
N VAL B 26 4.12 25.27 8.69
CA VAL B 26 3.59 26.60 8.41
C VAL B 26 3.16 27.33 9.67
N GLN B 27 2.66 26.59 10.68
CA GLN B 27 2.12 27.26 11.87
C GLN B 27 3.17 28.04 12.63
N SER B 28 4.42 27.56 12.64
CA SER B 28 5.48 28.33 13.30
C SER B 28 5.70 29.66 12.60
N GLU B 29 5.52 29.71 11.28
CA GLU B 29 5.56 30.97 10.56
C GLU B 29 4.39 31.87 10.96
N ILE B 30 3.18 31.30 10.97
CA ILE B 30 1.99 32.08 11.34
C ILE B 30 2.17 32.69 12.72
N ARG B 31 2.61 31.89 13.68
CA ARG B 31 2.81 32.38 15.04
C ARG B 31 3.84 33.49 15.08
N ASN B 32 4.95 33.34 14.34
CA ASN B 32 5.97 34.38 14.32
C ASN B 32 5.42 35.67 13.73
N ILE B 33 4.67 35.57 12.64
CA ILE B 33 4.05 36.75 12.04
C ILE B 33 3.00 37.34 12.99
N VAL B 34 2.15 36.48 13.54
CA VAL B 34 1.11 36.96 14.47
C VAL B 34 1.74 37.59 15.69
N ARG B 35 2.85 37.02 16.17
CA ARG B 35 3.55 37.59 17.32
C ARG B 35 4.37 38.83 16.97
N SER B 36 4.68 39.04 15.69
CA SER B 36 5.38 40.26 15.28
C SER B 36 4.48 41.48 15.43
N LYS B 37 3.32 41.46 14.80
CA LYS B 37 2.25 42.33 15.27
C LYS B 37 1.76 41.80 16.61
N TYR B 38 0.85 42.54 17.24
CA TYR B 38 0.19 42.15 18.49
C TYR B 38 1.09 41.28 19.37
N PRO B 39 2.11 41.84 20.02
CA PRO B 39 3.03 41.01 20.80
C PRO B 39 2.42 40.39 22.05
N ASN B 40 1.14 40.61 22.34
CA ASN B 40 0.52 40.06 23.54
C ASN B 40 -0.24 38.75 23.28
N VAL B 41 -0.28 38.27 22.04
CA VAL B 41 -0.96 37.02 21.75
C VAL B 41 -0.12 35.87 22.29
N GLU B 42 -0.70 35.08 23.19
CA GLU B 42 -0.02 33.95 23.81
C GLU B 42 -0.45 32.67 23.10
N PHE B 43 0.46 32.10 22.31
CA PHE B 43 0.17 30.86 21.61
C PHE B 43 0.47 29.67 22.52
N GLN B 44 -0.51 28.81 22.68
CA GLN B 44 -0.36 27.54 23.40
C GLN B 44 -0.47 26.42 22.37
N VAL B 45 0.67 25.88 21.96
CA VAL B 45 0.73 24.91 20.88
C VAL B 45 0.82 23.51 21.47
N VAL B 46 -0.02 22.61 20.97
CA VAL B 46 0.04 21.19 21.27
C VAL B 46 0.47 20.48 20.00
N SER B 47 1.68 19.93 20.01
CA SER B 47 2.21 19.21 18.87
C SER B 47 1.96 17.71 19.01
N PHE B 48 1.71 17.06 17.89
CA PHE B 48 1.47 15.62 17.84
C PHE B 48 2.50 14.99 16.90
N ASN B 49 2.95 13.80 17.29
CA ASN B 49 3.93 13.05 16.45
C ASN B 49 3.26 11.86 15.78
N ASN B 50 2.02 11.57 16.18
CA ASN B 50 1.26 10.49 15.58
C ASN B 50 0.03 11.10 14.93
N ALA B 51 -0.23 10.70 13.68
CA ALA B 51 -1.35 11.30 12.93
C ALA B 51 -2.69 10.87 13.52
N ASP B 52 -2.80 9.61 13.95
CA ASP B 52 -4.05 9.14 14.52
C ASP B 52 -4.32 9.79 15.88
N GLU B 53 -3.28 10.10 16.63
CA GLU B 53 -3.48 10.81 17.90
C GLU B 53 -3.93 12.25 17.66
N PHE B 54 -3.43 12.87 16.58
CA PHE B 54 -3.93 14.19 16.20
C PHE B 54 -5.40 14.14 15.81
N LYS B 55 -5.74 13.24 14.88
CA LYS B 55 -7.10 13.16 14.38
C LYS B 55 -8.08 12.76 15.48
N SER B 56 -7.68 11.82 16.34
CA SER B 56 -8.58 11.34 17.38
C SER B 56 -8.91 12.44 18.39
N ARG B 57 -7.88 13.15 18.87
CA ARG B 57 -8.13 14.17 19.89
C ARG B 57 -8.85 15.38 19.29
N LEU B 58 -8.47 15.78 18.08
CA LEU B 58 -9.08 16.96 17.48
C LEU B 58 -10.55 16.71 17.16
N LEU B 59 -10.85 15.56 16.53
CA LEU B 59 -12.23 15.27 16.13
C LEU B 59 -13.12 15.03 17.36
N THR B 60 -12.62 14.28 18.35
CA THR B 60 -13.43 14.01 19.54
C THR B 60 -13.73 15.29 20.30
N GLU B 61 -12.75 16.20 20.40
CA GLU B 61 -12.98 17.45 21.11
C GLU B 61 -13.97 18.34 20.37
N LEU B 62 -13.82 18.44 19.04
CA LEU B 62 -14.73 19.26 18.25
C LEU B 62 -16.17 18.76 18.35
N MET B 63 -16.38 17.44 18.24
CA MET B 63 -17.72 16.90 18.29
C MET B 63 -18.35 17.01 19.68
N ALA B 64 -17.60 17.42 20.68
CA ALA B 64 -18.12 17.67 22.02
C ALA B 64 -18.17 19.16 22.33
N GLY B 65 -17.94 20.03 21.36
CA GLY B 65 -17.97 21.46 21.58
C GLY B 65 -16.71 22.05 22.17
N GLU B 66 -15.60 21.32 22.15
CA GLU B 66 -14.32 21.76 22.70
C GLU B 66 -13.31 21.94 21.57
N GLY B 67 -12.03 21.81 21.89
CA GLY B 67 -10.99 21.88 20.89
C GLY B 67 -10.21 23.18 20.93
N PRO B 68 -9.24 23.32 20.03
CA PRO B 68 -8.40 24.52 20.03
C PRO B 68 -9.13 25.71 19.45
N ASP B 69 -8.57 26.90 19.70
CA ASP B 69 -9.19 28.13 19.22
C ASP B 69 -9.13 28.24 17.70
N VAL B 70 -7.99 27.89 17.11
CA VAL B 70 -7.81 27.91 15.66
C VAL B 70 -7.54 26.49 15.20
N ILE B 71 -8.29 26.04 14.21
CA ILE B 71 -8.21 24.66 13.72
C ILE B 71 -7.62 24.70 12.32
N VAL B 72 -6.54 23.95 12.12
CA VAL B 72 -5.91 23.78 10.81
C VAL B 72 -6.03 22.31 10.43
N LEU B 73 -6.68 22.05 9.29
CA LEU B 73 -6.93 20.69 8.85
C LEU B 73 -6.54 20.54 7.39
N SER B 74 -6.07 19.33 7.05
CA SER B 74 -5.84 18.91 5.67
C SER B 74 -6.69 17.66 5.48
N PRO B 75 -7.99 17.82 5.26
CA PRO B 75 -8.92 16.69 5.39
C PRO B 75 -9.14 15.85 4.14
N SER B 76 -8.61 16.27 2.98
CA SER B 76 -8.84 15.50 1.77
C SER B 76 -7.82 14.39 1.62
N THR B 77 -7.40 14.10 0.38
CA THR B 77 -6.61 12.92 0.10
C THR B 77 -5.28 13.24 -0.58
N LYS B 78 -4.81 14.49 -0.53
CA LYS B 78 -3.48 14.78 -1.05
C LYS B 78 -2.43 14.09 -0.17
N LYS B 79 -1.18 14.13 -0.64
CA LYS B 79 -0.16 13.21 -0.14
C LYS B 79 -0.04 13.25 1.38
N GLY B 80 0.27 14.41 1.94
CA GLY B 80 0.51 14.50 3.37
C GLY B 80 -0.72 14.80 4.21
N SER B 81 -1.89 14.40 3.72
CA SER B 81 -3.14 14.73 4.39
C SER B 81 -3.42 13.79 5.55
N ILE B 82 -4.22 14.28 6.49
CA ILE B 82 -4.88 13.43 7.48
C ILE B 82 -6.35 13.38 7.10
N THR B 83 -6.73 12.36 6.32
CA THR B 83 -8.05 12.32 5.70
C THR B 83 -9.14 12.16 6.76
N ILE B 84 -10.20 12.98 6.63
CA ILE B 84 -11.35 12.91 7.51
C ILE B 84 -12.56 12.50 6.69
N GLU B 85 -13.30 11.51 7.18
CA GLU B 85 -14.32 10.85 6.36
C GLU B 85 -15.57 11.74 6.21
N THR B 86 -15.94 12.47 7.25
CA THR B 86 -17.18 13.24 7.27
C THR B 86 -16.89 14.68 7.65
N MET B 87 -15.96 15.30 6.92
CA MET B 87 -15.57 16.68 7.22
C MET B 87 -16.74 17.66 7.01
N ARG B 88 -17.50 17.48 5.92
CA ARG B 88 -18.61 18.40 5.69
C ARG B 88 -19.71 18.24 6.73
N LYS B 89 -20.00 17.01 7.13
CA LYS B 89 -21.01 16.81 8.17
C LYS B 89 -20.55 17.41 9.49
N LEU B 90 -19.24 17.36 9.78
CA LEU B 90 -18.73 18.00 10.98
C LEU B 90 -18.91 19.51 10.93
N VAL B 91 -18.64 20.12 9.76
CA VAL B 91 -18.85 21.55 9.59
C VAL B 91 -20.34 21.88 9.72
N GLU B 92 -21.20 21.03 9.15
CA GLU B 92 -22.64 21.26 9.20
C GLU B 92 -23.20 21.15 10.61
N SER B 93 -22.51 20.44 11.51
CA SER B 93 -22.96 20.37 12.90
C SER B 93 -22.70 21.65 13.67
N GLY B 94 -21.89 22.56 13.13
CA GLY B 94 -21.68 23.84 13.76
C GLY B 94 -20.55 23.92 14.76
N VAL B 95 -19.51 23.10 14.60
CA VAL B 95 -18.36 23.17 15.50
C VAL B 95 -17.49 24.39 15.24
N PHE B 96 -17.68 25.08 14.11
CA PHE B 96 -16.99 26.31 13.80
C PHE B 96 -17.99 27.47 13.78
N CYS B 97 -17.52 28.65 14.14
CA CYS B 97 -18.36 29.84 14.14
C CYS B 97 -18.41 30.47 12.76
N ASP B 98 -19.44 31.29 12.54
CA ASP B 98 -19.57 32.04 11.29
C ASP B 98 -18.52 33.14 11.24
N LEU B 99 -17.80 33.21 10.12
CA LEU B 99 -16.75 34.21 9.95
C LEU B 99 -17.24 35.50 9.29
N GLU B 100 -18.46 35.52 8.76
CA GLU B 100 -18.96 36.74 8.11
C GLU B 100 -19.03 37.95 9.03
N PRO B 101 -19.48 37.86 10.29
CA PRO B 101 -19.49 39.06 11.14
C PRO B 101 -18.13 39.72 11.27
N TYR B 102 -17.04 38.96 11.11
CA TYR B 102 -15.70 39.50 11.22
C TYR B 102 -15.17 40.02 9.88
N ILE B 103 -15.48 39.34 8.77
CA ILE B 103 -15.01 39.79 7.47
C ILE B 103 -15.70 41.08 7.05
N SER B 104 -17.00 41.20 7.35
CA SER B 104 -17.72 42.42 7.00
C SER B 104 -17.16 43.63 7.72
N LYS B 105 -16.84 43.46 9.01
CA LYS B 105 -16.32 44.52 9.87
C LYS B 105 -14.87 44.90 9.55
N ASP B 106 -14.15 44.11 8.74
CA ASP B 106 -12.70 44.23 8.58
C ASP B 106 -12.36 45.03 7.32
N GLU B 107 -11.75 46.20 7.50
CA GLU B 107 -11.35 47.00 6.34
C GLU B 107 -10.12 46.45 5.62
N SER B 108 -9.15 45.97 6.39
CA SER B 108 -7.89 45.58 5.81
C SER B 108 -7.98 44.29 4.98
N ILE B 109 -9.14 43.56 5.00
CA ILE B 109 -9.34 42.38 4.14
C ILE B 109 -10.28 42.79 3.00
N ASN B 110 -9.96 42.34 1.77
CA ASN B 110 -10.83 42.49 0.61
C ASN B 110 -10.80 41.19 -0.17
N LEU B 111 -11.97 40.54 -0.29
CA LEU B 111 -12.05 39.20 -0.85
C LEU B 111 -11.73 39.13 -2.34
N SER B 112 -11.62 40.27 -3.03
CA SER B 112 -11.22 40.25 -4.44
C SER B 112 -9.76 39.83 -4.61
N GLU B 113 -8.97 39.85 -3.53
CA GLU B 113 -7.53 39.49 -3.59
C GLU B 113 -7.34 37.97 -3.63
N TYR B 114 -8.38 37.19 -3.33
CA TYR B 114 -8.30 35.73 -3.34
C TYR B 114 -9.26 35.15 -4.36
N ASN B 115 -9.09 33.85 -4.63
CA ASN B 115 -9.97 33.10 -5.52
C ASN B 115 -11.34 32.98 -4.89
N GLU B 116 -12.28 33.82 -5.33
CA GLU B 116 -13.60 33.87 -4.70
C GLU B 116 -14.36 32.57 -4.89
N THR B 117 -14.21 31.92 -6.04
CA THR B 117 -14.91 30.66 -6.28
C THR B 117 -14.49 29.58 -5.29
N VAL B 118 -13.19 29.53 -4.96
CA VAL B 118 -12.72 28.53 -4.02
C VAL B 118 -13.13 28.90 -2.60
N LEU B 119 -13.09 30.19 -2.27
CA LEU B 119 -13.41 30.64 -0.91
C LEU B 119 -14.86 30.31 -0.55
N ASN B 120 -15.75 30.28 -1.54
CA ASN B 120 -17.16 29.97 -1.30
C ASN B 120 -17.38 28.53 -0.86
N SER B 121 -16.37 27.65 -0.99
CA SER B 121 -16.50 26.31 -0.43
C SER B 121 -16.69 26.35 1.08
N GLY B 122 -16.19 27.40 1.74
CA GLY B 122 -16.39 27.61 3.15
C GLY B 122 -17.74 28.18 3.52
N VAL B 123 -18.58 28.50 2.54
CA VAL B 123 -19.93 29.00 2.78
C VAL B 123 -20.87 27.81 2.68
N ILE B 124 -21.28 27.28 3.83
CA ILE B 124 -22.18 26.14 3.90
C ILE B 124 -23.39 26.55 4.72
N ASN B 125 -24.58 26.24 4.22
CA ASN B 125 -25.84 26.56 4.90
C ASN B 125 -25.92 28.06 5.20
N GLY B 126 -25.42 28.88 4.29
CA GLY B 126 -25.47 30.32 4.44
C GLY B 126 -24.53 30.89 5.48
N LYS B 127 -23.51 30.14 5.88
CA LYS B 127 -22.55 30.61 6.89
C LYS B 127 -21.15 30.27 6.43
N ARG B 128 -20.24 31.24 6.57
CA ARG B 128 -18.84 31.04 6.21
C ARG B 128 -18.14 30.37 7.40
N TYR B 129 -18.21 29.04 7.43
CA TYR B 129 -17.69 28.30 8.58
C TYR B 129 -16.16 28.20 8.57
N PHE B 130 -15.54 28.20 7.38
CA PHE B 130 -14.10 28.08 7.31
C PHE B 130 -13.59 28.83 6.08
N ILE B 131 -12.27 28.99 6.04
CA ILE B 131 -11.56 29.61 4.92
C ILE B 131 -10.71 28.55 4.26
N PRO B 132 -11.00 28.14 3.03
CA PRO B 132 -10.08 27.25 2.31
C PRO B 132 -8.84 28.01 1.84
N ILE B 133 -7.68 27.66 2.41
CA ILE B 133 -6.43 28.32 2.02
C ILE B 133 -5.73 27.60 0.89
N ALA B 134 -6.14 26.37 0.57
CA ALA B 134 -5.60 25.65 -0.57
C ALA B 134 -6.64 24.66 -1.07
N TYR B 135 -6.53 24.30 -2.34
CA TYR B 135 -7.53 23.47 -2.99
C TYR B 135 -6.85 22.61 -4.07
N ASP B 136 -7.67 21.81 -4.75
CA ASP B 136 -7.19 20.99 -5.85
C ASP B 136 -8.28 20.93 -6.91
N VAL B 137 -7.85 20.78 -8.16
CA VAL B 137 -8.75 20.61 -9.30
C VAL B 137 -8.39 19.29 -9.98
N PRO B 138 -9.30 18.32 -10.03
CA PRO B 138 -8.98 17.05 -10.71
C PRO B 138 -8.70 17.28 -12.19
N ILE B 139 -7.53 16.86 -12.62
CA ILE B 139 -7.08 17.00 -14.00
C ILE B 139 -6.32 15.74 -14.41
N PHE B 140 -6.18 15.57 -15.71
CA PHE B 140 -5.25 14.59 -16.26
C PHE B 140 -4.27 15.30 -17.17
N TRP B 141 -3.05 14.77 -17.24
CA TRP B 141 -1.96 15.44 -17.94
C TRP B 141 -1.08 14.39 -18.61
N THR B 142 -0.29 14.87 -19.58
CA THR B 142 0.62 14.02 -20.33
C THR B 142 1.53 14.93 -21.14
N ALA B 143 2.39 14.32 -21.95
CA ALA B 143 3.26 15.05 -22.86
C ALA B 143 2.50 15.34 -24.16
N ASN B 144 2.85 16.47 -24.78
CA ASN B 144 2.18 16.87 -26.02
C ASN B 144 2.46 15.88 -27.14
N SER B 145 3.68 15.32 -27.18
CA SER B 145 4.01 14.38 -28.24
C SER B 145 3.24 13.07 -28.10
N ILE B 146 2.83 12.72 -26.88
CA ILE B 146 2.01 11.52 -26.71
C ILE B 146 0.58 11.79 -27.19
N LEU B 147 0.09 13.02 -27.04
CA LEU B 147 -1.20 13.38 -27.61
C LEU B 147 -1.18 13.31 -29.13
N GLU B 148 -0.07 13.74 -29.74
CA GLU B 148 0.02 13.76 -31.20
C GLU B 148 0.13 12.34 -31.76
N GLU B 149 0.72 11.41 -31.01
CA GLU B 149 0.80 10.04 -31.47
C GLU B 149 -0.56 9.36 -31.46
N ASN B 150 -1.49 9.83 -30.63
CA ASN B 150 -2.85 9.32 -30.61
C ASN B 150 -3.83 10.19 -31.38
N ASN B 151 -3.34 11.24 -32.04
CA ASN B 151 -4.15 12.08 -32.93
C ASN B 151 -5.33 12.72 -32.19
N ILE B 152 -5.10 13.15 -30.95
CA ILE B 152 -6.16 13.75 -30.14
C ILE B 152 -5.65 15.01 -29.44
N LYS B 153 -4.73 15.73 -30.09
CA LYS B 153 -4.13 16.90 -29.45
C LYS B 153 -5.15 18.01 -29.19
N ASP B 154 -6.14 18.15 -30.07
CA ASP B 154 -7.08 19.28 -30.00
C ASP B 154 -8.47 18.89 -29.53
N GLU B 155 -8.67 17.65 -29.07
CA GLU B 155 -10.00 17.17 -28.72
C GLU B 155 -10.19 16.84 -27.24
N ILE B 156 -9.10 16.72 -26.47
CA ILE B 156 -9.23 16.29 -25.09
C ILE B 156 -9.88 17.34 -24.19
N ALA B 157 -9.80 18.62 -24.55
CA ALA B 157 -10.36 19.66 -23.67
C ALA B 157 -11.88 19.70 -23.73
N ASN B 158 -12.48 19.33 -24.87
CA ASN B 158 -13.92 19.31 -25.02
C ASN B 158 -14.49 17.90 -24.99
N TRP B 159 -13.78 16.97 -24.35
CA TRP B 159 -14.22 15.59 -24.26
C TRP B 159 -15.39 15.47 -23.29
N THR B 160 -16.37 14.65 -23.66
CA THR B 160 -17.35 14.19 -22.69
C THR B 160 -16.86 12.90 -22.05
N LEU B 161 -17.57 12.46 -21.01
CA LEU B 161 -17.15 11.24 -20.31
C LEU B 161 -17.28 10.00 -21.19
N LYS B 162 -18.22 10.00 -22.13
CA LYS B 162 -18.33 8.87 -23.04
C LYS B 162 -17.33 8.97 -24.19
N ASP B 163 -16.92 10.18 -24.56
CA ASP B 163 -15.82 10.33 -25.51
C ASP B 163 -14.53 9.78 -24.93
N MET B 164 -14.35 9.88 -23.62
CA MET B 164 -13.18 9.28 -22.98
C MET B 164 -13.29 7.76 -22.98
N ALA B 165 -14.50 7.24 -22.73
CA ALA B 165 -14.72 5.80 -22.81
C ALA B 165 -14.50 5.30 -24.22
N ASP B 166 -14.88 6.12 -25.22
CA ASP B 166 -14.74 5.72 -26.62
C ASP B 166 -13.28 5.69 -27.05
N PHE B 167 -12.43 6.54 -26.45
CA PHE B 167 -11.00 6.40 -26.68
C PHE B 167 -10.43 5.19 -25.94
N ALA B 168 -11.01 4.84 -24.79
CA ALA B 168 -10.48 3.72 -24.02
C ALA B 168 -10.83 2.38 -24.67
N VAL B 169 -12.02 2.26 -25.26
CA VAL B 169 -12.37 1.03 -25.95
C VAL B 169 -11.47 0.84 -27.15
N GLN B 170 -11.26 1.89 -27.95
CA GLN B 170 -10.33 1.79 -29.09
C GLN B 170 -8.90 1.58 -28.62
N PHE B 171 -8.51 2.14 -27.47
CA PHE B 171 -7.14 1.94 -26.98
C PHE B 171 -6.92 0.51 -26.53
N LYS B 172 -7.91 -0.09 -25.85
CA LYS B 172 -7.77 -1.46 -25.38
C LYS B 172 -7.61 -2.44 -26.55
N GLU B 173 -8.27 -2.16 -27.68
CA GLU B 173 -8.12 -3.02 -28.85
C GLU B 173 -6.78 -2.84 -29.54
N LYS B 174 -6.10 -1.72 -29.32
CA LYS B 174 -4.79 -1.49 -29.92
C LYS B 174 -3.65 -1.95 -29.00
N ASN B 175 -3.64 -1.49 -27.76
CA ASN B 175 -2.57 -1.78 -26.82
C ASN B 175 -2.96 -2.95 -25.93
N SER B 176 -2.30 -4.08 -26.15
CA SER B 176 -2.44 -5.27 -25.31
C SER B 176 -1.13 -5.57 -24.58
N ASP B 177 -0.49 -4.52 -24.06
CA ASP B 177 0.67 -4.66 -23.20
C ASP B 177 0.94 -3.39 -22.39
N ASN B 178 0.09 -2.38 -22.55
CA ASN B 178 0.26 -1.17 -21.75
C ASN B 178 -1.06 -0.67 -21.21
N TYR B 179 -0.97 0.08 -20.11
CA TYR B 179 -2.11 0.76 -19.52
C TYR B 179 -2.32 2.10 -20.20
N LEU B 180 -3.58 2.50 -20.30
CA LEU B 180 -3.86 3.84 -20.78
C LEU B 180 -3.62 4.88 -19.69
N PHE B 181 -3.94 4.55 -18.44
CA PHE B 181 -3.89 5.50 -17.36
C PHE B 181 -2.94 5.08 -16.25
N GLY B 182 -2.41 6.10 -15.56
CA GLY B 182 -1.79 5.91 -14.26
C GLY B 182 -2.15 7.12 -13.41
N TYR B 183 -2.05 6.95 -12.09
CA TYR B 183 -1.57 5.74 -11.43
C TYR B 183 -2.28 5.65 -10.08
N GLY B 184 -2.37 4.44 -9.53
CA GLY B 184 -2.94 4.30 -8.20
C GLY B 184 -4.44 4.59 -8.15
N ASP B 185 -4.93 4.62 -6.92
CA ASP B 185 -6.35 4.86 -6.67
C ASP B 185 -6.78 6.29 -7.00
N GLY B 186 -5.82 7.21 -7.15
CA GLY B 186 -6.15 8.60 -7.37
C GLY B 186 -6.90 8.88 -8.66
N PHE B 187 -6.83 7.97 -9.64
CA PHE B 187 -7.56 8.18 -10.87
C PHE B 187 -9.07 8.04 -10.66
N ILE B 188 -9.48 6.91 -10.08
CA ILE B 188 -10.91 6.68 -9.87
C ILE B 188 -11.46 7.67 -8.86
N ARG B 189 -10.63 8.09 -7.90
CA ARG B 189 -11.10 9.12 -6.97
C ARG B 189 -11.30 10.46 -7.67
N ASN B 190 -10.45 10.78 -8.65
CA ASN B 190 -10.57 12.06 -9.35
C ASN B 190 -11.83 12.13 -10.21
N ILE B 191 -12.20 11.02 -10.87
CA ILE B 191 -13.44 11.04 -11.64
C ILE B 191 -14.64 11.19 -10.72
N MET B 192 -14.57 10.64 -9.51
CA MET B 192 -15.66 10.84 -8.55
C MET B 192 -15.68 12.28 -8.05
N TYR B 193 -14.51 12.87 -7.80
CA TYR B 193 -14.46 14.25 -7.33
C TYR B 193 -15.13 15.19 -8.34
N ALA B 194 -15.00 14.90 -9.64
CA ALA B 194 -15.50 15.79 -10.66
C ALA B 194 -16.99 15.61 -10.95
N ASN B 195 -17.58 14.47 -10.55
CA ASN B 195 -18.94 14.16 -10.94
C ASN B 195 -19.88 13.83 -9.78
N TRP B 196 -19.42 13.90 -8.53
CA TRP B 196 -20.33 13.58 -7.42
C TRP B 196 -21.43 14.62 -7.30
N ARG B 197 -21.15 15.88 -7.66
CA ARG B 197 -22.16 16.93 -7.58
C ARG B 197 -23.37 16.62 -8.44
N GLU B 198 -23.19 15.78 -9.44
CA GLU B 198 -24.29 15.44 -10.37
C GLU B 198 -25.32 14.52 -9.69
N PHE B 199 -24.96 13.91 -8.56
CA PHE B 199 -25.83 12.92 -7.94
C PHE B 199 -26.15 13.20 -6.48
N VAL B 200 -25.64 14.28 -5.88
CA VAL B 200 -25.85 14.55 -4.46
C VAL B 200 -26.37 15.97 -4.29
N ASP B 201 -27.45 16.12 -3.54
CA ASP B 201 -28.09 17.40 -3.24
C ASP B 201 -27.99 17.59 -1.73
N TYR B 202 -26.93 18.27 -1.28
CA TYR B 202 -26.69 18.42 0.15
C TYR B 202 -27.78 19.27 0.81
N GLU B 203 -28.29 20.29 0.12
CA GLU B 203 -29.31 21.15 0.71
C GLU B 203 -30.55 20.35 1.11
N ASN B 204 -31.05 19.52 0.20
CA ASN B 204 -32.24 18.72 0.44
C ASN B 204 -31.94 17.35 1.02
N LYS B 205 -30.67 17.00 1.19
CA LYS B 205 -30.26 15.75 1.83
C LYS B 205 -30.81 14.54 1.10
N GLN B 206 -30.67 14.57 -0.22
CA GLN B 206 -31.08 13.44 -1.08
C GLN B 206 -30.04 13.22 -2.19
N ALA B 207 -30.02 12.02 -2.73
CA ALA B 207 -29.12 11.65 -3.80
C ALA B 207 -29.92 11.02 -4.94
N SER B 208 -29.32 10.99 -6.13
CA SER B 208 -29.93 10.40 -7.30
C SER B 208 -29.06 9.30 -7.88
N PHE B 209 -28.51 8.45 -7.02
CA PHE B 209 -27.67 7.35 -7.49
C PHE B 209 -28.51 6.25 -8.15
N ASP B 210 -29.77 6.11 -7.75
CA ASP B 210 -30.68 5.14 -8.38
C ASP B 210 -31.32 5.78 -9.61
N SER B 211 -30.48 5.99 -10.62
CA SER B 211 -30.90 6.66 -11.84
C SER B 211 -30.12 6.08 -13.01
N GLN B 212 -30.70 6.22 -14.20
CA GLN B 212 -30.01 5.77 -15.42
C GLN B 212 -28.76 6.58 -15.68
N GLU B 213 -28.74 7.85 -15.25
CA GLU B 213 -27.55 8.68 -15.43
C GLU B 213 -26.36 8.08 -14.70
N PHE B 214 -26.55 7.64 -13.45
CA PHE B 214 -25.46 7.04 -12.71
C PHE B 214 -25.11 5.66 -13.24
N VAL B 215 -26.09 4.94 -13.79
CA VAL B 215 -25.81 3.65 -14.41
C VAL B 215 -24.89 3.82 -15.61
N GLU B 216 -25.20 4.79 -16.48
CA GLU B 216 -24.31 5.09 -17.59
C GLU B 216 -22.97 5.62 -17.09
N PHE B 217 -22.98 6.33 -15.96
CA PHE B 217 -21.74 6.81 -15.36
C PHE B 217 -20.83 5.64 -14.96
N LEU B 218 -21.40 4.61 -14.34
CA LEU B 218 -20.61 3.44 -13.96
C LEU B 218 -20.11 2.68 -15.18
N GLU B 219 -20.98 2.47 -16.18
CA GLU B 219 -20.58 1.74 -17.37
C GLU B 219 -19.51 2.50 -18.16
N ALA B 220 -19.60 3.83 -18.19
CA ALA B 220 -18.59 4.62 -18.88
C ALA B 220 -17.24 4.50 -18.18
N ILE B 221 -17.23 4.61 -16.84
CA ILE B 221 -16.00 4.41 -16.09
C ILE B 221 -15.50 2.98 -16.23
N GLY B 222 -16.43 2.02 -16.34
CA GLY B 222 -16.02 0.63 -16.50
C GLY B 222 -15.24 0.40 -17.78
N ALA B 223 -15.67 1.03 -18.88
CA ALA B 223 -14.92 0.91 -20.12
C ALA B 223 -13.58 1.64 -20.04
N ILE B 224 -13.53 2.72 -19.26
CA ILE B 224 -12.29 3.47 -19.10
C ILE B 224 -11.25 2.63 -18.35
N GLU B 225 -11.67 1.98 -17.26
CA GLU B 225 -10.70 1.19 -16.46
C GLU B 225 -10.29 -0.09 -17.21
N LYS B 226 -11.14 -0.58 -18.09
CA LYS B 226 -10.77 -1.77 -18.86
C LYS B 226 -9.56 -1.51 -19.75
N ALA B 227 -9.31 -0.25 -20.10
CA ALA B 227 -8.11 0.11 -20.85
C ALA B 227 -6.85 0.09 -19.99
N GLY B 228 -7.00 0.02 -18.67
CA GLY B 228 -5.87 -0.15 -17.78
C GLY B 228 -5.50 1.07 -16.95
N ILE B 229 -5.43 0.88 -15.64
CA ILE B 229 -4.91 1.88 -14.72
C ILE B 229 -3.82 1.20 -13.90
N CYS B 230 -2.57 1.58 -14.16
CA CYS B 230 -1.45 0.94 -13.49
C CYS B 230 -1.38 1.37 -12.03
N ASP B 231 -0.87 0.48 -11.19
CA ASP B 231 -0.75 0.74 -9.77
C ASP B 231 0.43 1.65 -9.49
N GLU B 232 0.44 2.22 -8.28
CA GLU B 232 1.56 3.06 -7.85
C GLU B 232 2.85 2.27 -7.69
N LYS B 233 2.76 0.95 -7.44
CA LYS B 233 3.96 0.16 -7.23
C LYS B 233 4.74 -0.11 -8.52
N LEU B 234 4.12 0.08 -9.68
CA LEU B 234 4.83 -0.05 -10.94
C LEU B 234 5.45 1.26 -11.39
N ILE B 235 5.03 2.38 -10.79
CA ILE B 235 5.65 3.66 -11.08
C ILE B 235 6.94 3.81 -10.27
N LYS B 236 6.96 3.25 -9.06
CA LYS B 236 8.18 3.25 -8.26
C LYS B 236 9.25 2.36 -8.85
N GLU B 237 8.88 1.41 -9.73
CA GLU B 237 9.88 0.60 -10.41
C GLU B 237 10.72 1.41 -11.38
N TYR B 238 10.22 2.55 -11.84
CA TYR B 238 10.96 3.41 -12.76
C TYR B 238 11.76 4.45 -12.00
N THR B 239 13.01 4.65 -12.44
CA THR B 239 13.86 5.67 -11.82
C THR B 239 13.31 7.07 -12.07
N GLY B 240 12.77 7.31 -13.26
CA GLY B 240 12.14 8.56 -13.61
C GLY B 240 10.68 8.67 -13.22
N MET B 241 10.17 7.74 -12.44
CA MET B 241 8.80 7.76 -11.90
C MET B 241 7.82 7.72 -13.08
N GLU B 242 6.73 8.49 -13.03
CA GLU B 242 5.70 8.42 -14.06
C GLU B 242 6.16 9.04 -15.38
N PHE B 243 7.16 9.93 -15.34
CA PHE B 243 7.63 10.55 -16.57
C PHE B 243 8.41 9.55 -17.42
N GLU B 244 9.22 8.70 -16.79
CA GLU B 244 9.96 7.68 -17.54
C GLU B 244 9.02 6.60 -18.06
N ALA B 245 8.08 6.14 -17.23
CA ALA B 245 7.09 5.17 -17.69
C ALA B 245 6.27 5.74 -18.84
N LEU B 246 6.04 7.05 -18.84
CA LEU B 246 5.36 7.70 -19.96
C LEU B 246 6.21 7.64 -21.23
N LYS B 247 7.53 7.78 -21.09
CA LYS B 247 8.41 7.69 -22.26
C LYS B 247 8.44 6.28 -22.83
N HIS B 248 8.41 5.27 -21.98
CA HIS B 248 8.43 3.88 -22.43
C HIS B 248 7.07 3.42 -22.95
N GLY B 249 6.03 4.22 -22.80
CA GLY B 249 4.71 3.86 -23.28
C GLY B 249 3.89 3.01 -22.35
N LYS B 250 4.37 2.75 -21.12
CA LYS B 250 3.59 1.96 -20.17
C LYS B 250 2.29 2.66 -19.79
N ILE B 251 2.33 3.99 -19.70
CA ILE B 251 1.14 4.80 -19.46
C ILE B 251 1.07 5.87 -20.53
N THR B 252 -0.12 6.44 -20.70
CA THR B 252 -0.33 7.47 -21.71
C THR B 252 -0.91 8.73 -21.09
N LEU B 253 -1.91 8.59 -20.24
CA LEU B 253 -2.51 9.71 -19.53
C LEU B 253 -2.32 9.52 -18.02
N ILE B 254 -2.01 10.61 -17.33
CA ILE B 254 -1.70 10.58 -15.91
C ILE B 254 -2.74 11.42 -15.18
N SER B 255 -3.29 10.87 -14.09
CA SER B 255 -4.14 11.62 -13.19
C SER B 255 -3.97 11.04 -11.79
N SER B 256 -3.61 11.89 -10.83
CA SER B 256 -3.33 11.42 -9.48
C SER B 256 -3.87 12.44 -8.48
N THR B 257 -4.10 11.96 -7.26
CA THR B 257 -4.60 12.77 -6.16
C THR B 257 -3.48 13.27 -5.25
N GLU B 258 -2.29 12.68 -5.34
CA GLU B 258 -1.22 12.96 -4.39
C GLU B 258 -0.77 14.42 -4.46
N TYR B 259 -0.62 14.97 -5.65
CA TYR B 259 -0.03 16.30 -5.83
C TYR B 259 -0.98 17.25 -6.55
N PRO B 260 -1.60 18.21 -5.84
CA PRO B 260 -2.34 19.26 -6.54
C PRO B 260 -1.44 20.08 -7.45
N ILE B 261 -2.02 20.59 -8.53
CA ILE B 261 -1.23 21.22 -9.61
C ILE B 261 -1.05 22.68 -9.22
N ASN B 262 -0.13 22.91 -8.29
CA ASN B 262 0.31 24.26 -7.95
C ASN B 262 1.34 24.71 -8.98
N PRO B 263 1.67 26.01 -9.00
CA PRO B 263 2.67 26.49 -9.97
C PRO B 263 3.98 25.70 -9.97
N TRP B 264 4.44 25.23 -8.80
CA TRP B 264 5.67 24.44 -8.77
C TRP B 264 5.48 23.09 -9.46
N GLU B 265 4.37 22.40 -9.17
CA GLU B 265 4.12 21.11 -9.81
C GLU B 265 4.03 21.27 -11.32
N LEU B 266 3.43 22.37 -11.80
CA LEU B 266 3.35 22.61 -13.23
C LEU B 266 4.74 22.73 -13.84
N TRP B 267 5.61 23.52 -13.21
CA TRP B 267 6.98 23.66 -13.71
C TRP B 267 7.76 22.37 -13.52
N TYR B 268 7.52 21.66 -12.42
CA TYR B 268 8.21 20.39 -12.18
C TYR B 268 7.85 19.35 -13.22
N ARG B 269 6.55 19.20 -13.50
CA ARG B 269 6.13 18.20 -14.48
C ARG B 269 6.59 18.56 -15.89
N ASN B 270 6.52 19.85 -16.24
CA ASN B 270 6.93 20.28 -17.57
C ASN B 270 8.42 20.04 -17.80
N SER B 271 9.25 20.28 -16.78
CA SER B 271 10.69 20.11 -16.94
C SER B 271 11.05 18.63 -17.12
N HIS B 272 10.41 17.75 -16.35
CA HIS B 272 10.68 16.32 -16.49
C HIS B 272 10.25 15.80 -17.85
N ILE B 273 9.11 16.28 -18.35
CA ILE B 273 8.63 15.85 -19.66
C ILE B 273 9.56 16.35 -20.76
N ASN B 274 9.99 17.62 -20.67
CA ASN B 274 10.95 18.15 -21.64
C ASN B 274 12.28 17.40 -21.60
N TYR B 275 12.60 16.78 -20.47
CA TYR B 275 13.84 16.01 -20.36
C TYR B 275 13.74 14.71 -21.13
N TYR B 276 12.63 14.00 -21.02
CA TYR B 276 12.45 12.71 -21.67
C TYR B 276 11.95 12.83 -23.11
N PHE B 277 11.36 13.95 -23.48
CA PHE B 277 10.80 14.11 -24.82
C PHE B 277 11.41 15.31 -25.53
N PRO B 279 12.57 18.20 -26.64
CA PRO B 279 11.78 19.42 -26.82
C PRO B 279 10.28 19.16 -26.75
N ASP B 280 9.71 19.23 -25.55
CA ASP B 280 8.28 18.99 -25.38
C ASP B 280 7.76 19.79 -24.20
N SER B 281 6.44 19.81 -24.05
CA SER B 281 5.77 20.52 -22.98
C SER B 281 4.66 19.64 -22.43
N ILE B 282 4.25 19.95 -21.20
CA ILE B 282 3.15 19.25 -20.56
C ILE B 282 1.82 19.76 -21.13
N ARG B 283 0.87 18.84 -21.29
CA ARG B 283 -0.50 19.17 -21.64
C ARG B 283 -1.41 18.69 -20.53
N LEU B 284 -2.27 19.58 -20.03
CA LEU B 284 -3.22 19.22 -18.99
C LEU B 284 -4.64 19.52 -19.47
N SER B 285 -5.60 18.91 -18.80
CA SER B 285 -7.00 19.06 -19.19
C SER B 285 -7.88 18.75 -18.00
N LYS B 286 -9.01 19.45 -17.94
CA LYS B 286 -10.05 19.12 -16.97
C LYS B 286 -10.62 17.74 -17.29
N PHE B 287 -11.28 17.16 -16.29
CA PHE B 287 -11.83 15.82 -16.48
C PHE B 287 -13.06 15.88 -17.38
N PRO B 288 -13.22 14.91 -18.29
CA PRO B 288 -14.46 14.83 -19.07
C PRO B 288 -15.64 14.65 -18.12
N THR B 289 -16.66 15.48 -18.30
CA THR B 289 -17.74 15.54 -17.33
C THR B 289 -19.04 15.00 -17.90
N PHE B 290 -19.91 14.58 -16.98
CA PHE B 290 -21.24 14.07 -17.29
C PHE B 290 -22.24 15.22 -17.18
N GLY B 291 -23.53 14.89 -17.30
CA GLY B 291 -24.57 15.86 -17.03
C GLY B 291 -24.81 16.79 -18.21
N ASP B 292 -25.87 17.59 -18.08
CA ASP B 292 -26.20 18.56 -19.11
C ASP B 292 -25.43 19.87 -18.98
N LEU B 293 -24.77 20.10 -17.85
CA LEU B 293 -24.03 21.34 -17.62
C LEU B 293 -22.54 21.12 -17.85
N GLY B 294 -21.82 22.24 -17.91
CA GLY B 294 -20.38 22.22 -18.08
C GLY B 294 -19.69 22.60 -16.78
N ARG B 295 -19.84 21.75 -15.77
CA ARG B 295 -19.32 22.03 -14.44
C ARG B 295 -17.87 21.56 -14.32
N ILE B 296 -17.04 22.40 -13.71
CA ILE B 296 -15.66 22.08 -13.38
C ILE B 296 -15.54 22.29 -11.87
N VAL B 297 -15.57 21.19 -11.12
CA VAL B 297 -15.70 21.24 -9.67
C VAL B 297 -14.32 21.06 -9.05
N ALA B 298 -13.94 22.00 -8.19
CA ALA B 298 -12.76 21.86 -7.36
C ALA B 298 -13.19 21.53 -5.94
N HIS B 299 -12.22 21.16 -5.11
CA HIS B 299 -12.52 20.89 -3.71
C HIS B 299 -11.37 21.38 -2.86
N PRO B 300 -11.65 21.89 -1.66
CA PRO B 300 -10.57 22.38 -0.81
C PRO B 300 -9.75 21.22 -0.23
N THR B 301 -8.45 21.45 -0.13
CA THR B 301 -7.53 20.49 0.48
C THR B 301 -6.99 20.96 1.82
N ASP B 302 -7.14 22.25 2.14
CA ASP B 302 -6.61 22.82 3.36
C ASP B 302 -7.55 23.91 3.84
N ILE B 303 -8.01 23.80 5.09
CA ILE B 303 -8.98 24.73 5.65
C ILE B 303 -8.51 25.20 7.02
N VAL B 304 -8.95 26.40 7.39
CA VAL B 304 -8.72 26.96 8.71
C VAL B 304 -10.05 27.51 9.21
N ALA B 305 -10.28 27.40 10.52
CA ALA B 305 -11.54 27.84 11.09
C ALA B 305 -11.34 28.22 12.55
N ILE B 306 -12.36 28.88 13.11
CA ILE B 306 -12.37 29.31 14.50
C ILE B 306 -13.41 28.48 15.25
N ASN B 307 -13.04 28.01 16.44
CA ASN B 307 -13.96 27.24 17.25
C ASN B 307 -15.16 28.08 17.64
N LYS B 308 -16.36 27.50 17.51
CA LYS B 308 -17.57 28.22 17.92
C LYS B 308 -17.56 28.49 19.41
N ASN B 309 -16.92 27.62 20.20
CA ASN B 309 -16.85 27.78 21.64
C ASN B 309 -15.56 28.47 22.09
N SER B 310 -14.83 29.09 21.15
CA SER B 310 -13.68 29.89 21.52
C SER B 310 -14.13 31.15 22.24
N LYS B 311 -13.47 31.47 23.35
CA LYS B 311 -13.71 32.72 24.08
C LYS B 311 -12.74 33.81 23.70
N ASN B 312 -11.95 33.61 22.66
CA ASN B 312 -11.00 34.60 22.17
C ASN B 312 -11.11 34.71 20.67
N LYS B 313 -12.34 34.85 20.19
CA LYS B 313 -12.56 35.15 18.79
C LYS B 313 -12.03 36.54 18.47
N ALA B 314 -12.08 36.89 17.18
CA ALA B 314 -11.49 38.13 16.66
C ALA B 314 -9.97 38.10 16.74
N THR B 315 -9.42 37.75 17.91
CA THR B 315 -8.00 37.42 17.97
C THR B 315 -7.69 36.19 17.14
N ALA B 316 -8.56 35.16 17.24
CA ALA B 316 -8.43 34.00 16.37
C ALA B 316 -8.61 34.39 14.91
N TYR B 317 -9.47 35.38 14.65
CA TYR B 317 -9.66 35.85 13.28
C TYR B 317 -8.38 36.47 12.72
N GLU B 318 -7.63 37.18 13.55
CA GLU B 318 -6.36 37.73 13.10
C GLU B 318 -5.37 36.63 12.78
N VAL B 319 -5.40 35.52 13.54
CA VAL B 319 -4.55 34.39 13.25
C VAL B 319 -5.00 33.71 11.96
N LEU B 320 -6.30 33.67 11.72
CA LEU B 320 -6.83 33.01 10.53
C LEU B 320 -6.41 33.74 9.25
N LYS B 321 -6.40 35.07 9.28
CA LYS B 321 -6.13 35.84 8.07
C LYS B 321 -4.69 35.67 7.58
N VAL B 322 -3.73 35.47 8.50
CA VAL B 322 -2.34 35.34 8.10
C VAL B 322 -2.13 34.14 7.18
N PHE B 323 -2.96 33.10 7.34
CA PHE B 323 -2.88 31.95 6.45
C PHE B 323 -3.16 32.32 5.00
N LEU B 324 -3.82 33.45 4.76
CA LEU B 324 -4.15 33.90 3.42
C LEU B 324 -3.12 34.86 2.84
N SER B 325 -2.15 35.30 3.63
CA SER B 325 -1.23 36.33 3.19
C SER B 325 -0.40 35.85 2.00
N LYS B 326 -0.09 36.80 1.10
CA LYS B 326 0.73 36.47 -0.06
C LYS B 326 2.06 35.86 0.34
N GLU B 327 2.63 36.29 1.46
CA GLU B 327 3.92 35.78 1.90
C GLU B 327 3.82 34.32 2.30
N ILE B 328 2.79 33.97 3.08
CA ILE B 328 2.59 32.57 3.46
C ILE B 328 2.21 31.74 2.23
N GLN B 329 1.27 32.23 1.43
CA GLN B 329 0.74 31.44 0.32
C GLN B 329 1.80 31.17 -0.75
N SER B 330 2.83 31.99 -0.84
CA SER B 330 3.92 31.79 -1.79
C SER B 330 5.17 31.23 -1.14
N SER B 331 5.10 30.83 0.11
CA SER B 331 6.28 30.38 0.85
C SER B 331 6.68 28.97 0.44
N GLN B 332 7.91 28.61 0.79
CA GLN B 332 8.42 27.27 0.47
C GLN B 332 7.67 26.20 1.25
N GLN B 333 7.41 26.44 2.54
CA GLN B 333 6.67 25.49 3.35
C GLN B 333 5.26 25.28 2.81
N PHE B 334 4.61 26.37 2.38
CA PHE B 334 3.28 26.25 1.77
C PHE B 334 3.35 25.42 0.50
N ARG B 335 4.41 25.58 -0.28
CA ARG B 335 4.57 24.82 -1.51
C ARG B 335 4.77 23.34 -1.24
N ASP B 336 5.46 22.99 -0.14
CA ASP B 336 5.80 21.60 0.13
C ASP B 336 4.66 20.83 0.79
N ARG B 337 3.77 21.51 1.50
CA ARG B 337 2.79 20.84 2.34
C ARG B 337 1.34 21.11 1.98
N MET B 338 1.06 22.11 1.14
CA MET B 338 -0.31 22.52 0.84
C MET B 338 -0.64 22.31 -0.62
N GLY B 339 -1.92 22.52 -0.94
CA GLY B 339 -2.42 22.44 -2.30
C GLY B 339 -2.20 23.72 -3.07
N ILE B 340 -3.09 23.97 -4.04
CA ILE B 340 -3.02 25.17 -4.86
C ILE B 340 -3.40 26.39 -4.02
N PRO B 341 -2.53 27.39 -3.91
CA PRO B 341 -2.85 28.56 -3.10
C PRO B 341 -4.04 29.32 -3.66
N VAL B 342 -4.77 30.00 -2.77
CA VAL B 342 -5.92 30.80 -3.15
C VAL B 342 -5.59 32.28 -3.28
N ASN B 343 -4.43 32.71 -2.83
CA ASN B 343 -4.02 34.11 -2.98
C ASN B 343 -3.54 34.30 -4.42
N ASP B 344 -4.28 35.11 -5.18
CA ASP B 344 -3.99 35.24 -6.61
C ASP B 344 -2.70 36.00 -6.87
N GLU B 345 -2.31 36.91 -5.97
CA GLU B 345 -1.01 37.57 -6.13
C GLU B 345 0.12 36.57 -5.88
N ALA B 346 -0.09 35.63 -4.96
CA ALA B 346 0.89 34.56 -4.76
C ALA B 346 1.01 33.71 -6.01
N ILE B 347 -0.13 33.30 -6.59
CA ILE B 347 -0.10 32.54 -7.84
C ILE B 347 0.59 33.34 -8.94
N ARG B 348 0.29 34.63 -9.04
CA ARG B 348 0.93 35.46 -10.05
C ARG B 348 2.44 35.52 -9.83
N GLU B 349 2.87 35.64 -8.57
CA GLU B 349 4.29 35.68 -8.27
C GLU B 349 4.97 34.36 -8.61
N LEU B 350 4.31 33.24 -8.30
CA LEU B 350 4.91 31.93 -8.54
C LEU B 350 5.03 31.65 -10.03
N ILE B 351 3.96 31.93 -10.79
CA ILE B 351 3.99 31.68 -12.23
C ILE B 351 5.06 32.54 -12.90
N GLU B 352 5.15 33.82 -12.51
CA GLU B 352 6.19 34.69 -13.05
C GLU B 352 7.57 34.16 -12.70
N LYS B 353 7.73 33.60 -11.50
CA LYS B 353 9.03 33.11 -11.06
C LYS B 353 9.51 31.95 -11.92
N TYR B 354 8.62 31.01 -12.25
CA TYR B 354 8.99 29.84 -13.04
C TYR B 354 8.89 30.08 -14.54
N SER B 355 8.42 31.25 -14.97
CA SER B 355 8.41 31.60 -16.38
C SER B 355 9.67 32.34 -16.83
N GLY B 356 10.54 32.70 -15.88
CA GLY B 356 11.74 33.46 -16.18
C GLY B 356 13.04 32.79 -15.77
N GLU B 357 13.99 33.61 -15.33
CA GLU B 357 15.33 33.12 -15.03
C GLU B 357 15.33 32.10 -13.90
N GLU B 358 14.42 32.23 -12.93
CA GLU B 358 14.35 31.24 -11.86
C GLU B 358 13.87 29.88 -12.36
N GLY B 359 13.21 29.82 -13.52
CA GLY B 359 12.79 28.56 -14.08
C GLY B 359 13.86 27.79 -14.84
N LYS B 360 14.98 28.42 -15.16
CA LYS B 360 16.10 27.75 -15.82
C LYS B 360 17.15 27.43 -14.74
N THR B 361 16.98 26.27 -14.10
CA THR B 361 17.92 25.81 -13.09
C THR B 361 18.21 24.33 -13.28
N THR B 362 18.48 23.60 -12.21
CA THR B 362 18.76 22.17 -12.28
C THR B 362 17.79 21.41 -11.39
N LEU B 363 17.32 20.27 -11.90
CA LEU B 363 16.47 19.35 -11.16
C LEU B 363 17.09 17.96 -11.17
N PRO B 364 16.96 17.20 -10.07
CA PRO B 364 17.50 15.84 -10.04
C PRO B 364 16.77 14.90 -11.00
N THR B 372 21.29 14.86 -12.32
CA THR B 372 20.84 16.24 -12.52
C THR B 372 20.32 16.46 -13.93
N MET B 373 19.40 17.41 -14.08
CA MET B 373 18.80 17.72 -15.38
C MET B 373 18.73 19.23 -15.55
N ASP B 374 18.65 19.65 -16.81
CA ASP B 374 18.45 21.05 -17.12
C ASP B 374 16.96 21.34 -17.23
N THR B 375 16.50 22.36 -16.51
CA THR B 375 15.10 22.75 -16.55
C THR B 375 14.91 23.90 -17.53
N VAL B 376 13.66 24.10 -17.93
CA VAL B 376 13.29 25.20 -18.81
C VAL B 376 12.16 25.97 -18.14
N PRO B 377 12.07 27.29 -18.29
CA PRO B 377 10.92 28.01 -17.76
C PRO B 377 9.63 27.60 -18.45
N LEU B 378 8.51 27.87 -17.77
CA LEU B 378 7.19 27.54 -18.30
C LEU B 378 6.92 28.27 -19.61
N PRO B 379 6.58 27.57 -20.68
CA PRO B 379 6.19 28.24 -21.94
C PRO B 379 4.85 28.95 -21.78
N GLU B 380 4.66 29.99 -22.59
CA GLU B 380 3.37 30.70 -22.62
C GLU B 380 2.20 29.73 -22.86
N SER B 381 2.38 28.77 -23.76
CA SER B 381 1.31 27.81 -24.07
C SER B 381 0.87 27.07 -22.82
N VAL B 382 1.82 26.67 -21.97
CA VAL B 382 1.48 25.94 -20.76
C VAL B 382 0.83 26.87 -19.73
N VAL B 383 1.33 28.11 -19.62
CA VAL B 383 0.76 29.04 -18.65
C VAL B 383 -0.67 29.38 -19.02
N ALA B 384 -0.96 29.54 -20.30
CA ALA B 384 -2.32 29.85 -20.73
C ALA B 384 -3.25 28.67 -20.49
N GLU B 385 -2.77 27.44 -20.71
CA GLU B 385 -3.59 26.27 -20.44
C GLU B 385 -3.79 26.06 -18.96
N TYR B 386 -2.77 26.33 -18.15
CA TYR B 386 -2.94 26.27 -16.70
C TYR B 386 -4.00 27.27 -16.25
N ASN B 387 -3.94 28.49 -16.80
CA ASN B 387 -4.90 29.53 -16.42
C ASN B 387 -6.30 29.19 -16.89
N SER B 388 -6.43 28.55 -18.05
CA SER B 388 -7.74 28.15 -18.54
C SER B 388 -8.42 27.16 -17.59
N ILE B 389 -7.63 26.41 -16.83
CA ILE B 389 -8.19 25.43 -15.90
C ILE B 389 -8.60 26.10 -14.59
N ILE B 390 -7.69 26.86 -13.99
CA ILE B 390 -7.98 27.48 -12.70
C ILE B 390 -9.10 28.51 -12.84
N ASN B 391 -9.09 29.30 -13.93
CA ASN B 391 -10.14 30.29 -14.12
C ASN B 391 -11.43 29.68 -14.67
N GLY B 392 -11.39 28.46 -15.19
CA GLY B 392 -12.59 27.79 -15.62
C GLY B 392 -13.33 27.07 -14.52
N VAL B 393 -12.74 27.00 -13.32
CA VAL B 393 -13.42 26.37 -12.19
C VAL B 393 -14.73 27.10 -11.93
N THR B 394 -15.84 26.36 -12.03
CA THR B 394 -17.15 26.96 -11.85
C THR B 394 -17.65 26.88 -10.42
N GLU B 395 -17.17 25.91 -9.65
CA GLU B 395 -17.57 25.80 -8.24
C GLU B 395 -16.55 24.96 -7.49
N CYS B 396 -16.48 25.19 -6.19
CA CYS B 396 -15.61 24.46 -5.28
C CYS B 396 -16.44 24.06 -4.07
N VAL B 397 -16.59 22.76 -3.85
CA VAL B 397 -17.49 22.24 -2.82
C VAL B 397 -16.73 21.25 -1.95
N LEU B 398 -16.89 21.39 -0.63
CA LEU B 398 -16.40 20.41 0.34
C LEU B 398 -17.34 19.21 0.35
N VAL B 399 -16.83 18.05 -0.09
CA VAL B 399 -17.61 16.81 -0.15
C VAL B 399 -17.18 15.91 0.99
N ASP B 400 -18.15 15.20 1.57
CA ASP B 400 -17.85 14.16 2.56
C ASP B 400 -17.06 13.05 1.90
N GLU B 401 -15.89 12.73 2.47
CA GLU B 401 -15.06 11.67 1.93
C GLU B 401 -15.77 10.33 1.93
N GLN B 402 -16.72 10.13 2.85
CA GLN B 402 -17.45 8.87 2.93
C GLN B 402 -18.34 8.67 1.70
N ILE B 403 -18.95 9.75 1.19
CA ILE B 403 -19.77 9.64 -0.01
C ILE B 403 -18.92 9.21 -1.20
N ILE B 404 -17.74 9.82 -1.35
CA ILE B 404 -16.84 9.44 -2.44
C ILE B 404 -16.43 7.98 -2.30
N ASP B 405 -16.19 7.52 -1.07
CA ASP B 405 -15.84 6.12 -0.86
C ASP B 405 -16.99 5.20 -1.19
N PHE B 406 -18.22 5.63 -0.92
CA PHE B 406 -19.39 4.83 -1.28
C PHE B 406 -19.52 4.67 -2.79
N MET B 407 -19.20 5.73 -3.55
CA MET B 407 -19.30 5.67 -5.00
C MET B 407 -18.27 4.70 -5.58
N ILE B 408 -17.09 4.60 -4.95
CA ILE B 408 -16.03 3.75 -5.47
C ILE B 408 -16.35 2.27 -5.21
N GLU B 409 -16.74 1.95 -3.97
CA GLU B 409 -17.09 0.57 -3.65
C GLU B 409 -18.32 0.11 -4.44
N GLY B 410 -19.17 1.04 -4.88
CA GLY B 410 -20.25 0.67 -5.77
C GLY B 410 -19.76 0.36 -7.17
N PHE B 411 -18.79 1.13 -7.66
CA PHE B 411 -18.19 0.83 -8.96
C PHE B 411 -17.46 -0.51 -8.94
N ASN B 412 -16.79 -0.82 -7.83
CA ASN B 412 -16.06 -2.08 -7.73
C ASN B 412 -16.99 -3.28 -7.74
N GLU B 413 -18.18 -3.15 -7.15
CA GLU B 413 -19.16 -4.23 -7.20
C GLU B 413 -19.57 -4.53 -8.64
N TYR B 414 -19.79 -3.47 -9.43
CA TYR B 414 -20.15 -3.65 -10.83
C TYR B 414 -18.96 -4.13 -11.66
N LYS B 415 -17.76 -3.59 -11.38
CA LYS B 415 -16.57 -3.99 -12.12
C LYS B 415 -16.23 -5.46 -11.88
N ASN B 416 -16.25 -5.89 -10.62
CA ASN B 416 -15.86 -7.25 -10.26
C ASN B 416 -16.98 -8.27 -10.47
N GLY B 417 -18.05 -7.90 -11.16
CA GLY B 417 -19.09 -8.85 -11.51
C GLY B 417 -19.92 -9.39 -10.37
N LYS B 418 -19.93 -8.70 -9.22
CA LYS B 418 -20.75 -9.14 -8.10
C LYS B 418 -22.18 -8.63 -8.21
N MET B 419 -22.37 -7.46 -8.83
CA MET B 419 -23.69 -6.88 -9.03
C MET B 419 -23.80 -6.36 -10.45
N SER B 420 -25.02 -6.14 -10.89
CA SER B 420 -25.26 -5.41 -12.12
C SER B 420 -25.01 -3.92 -11.88
N ALA B 421 -24.97 -3.15 -12.97
CA ALA B 421 -24.68 -1.72 -12.85
C ALA B 421 -25.74 -0.98 -12.06
N LYS B 422 -27.02 -1.33 -12.24
CA LYS B 422 -28.08 -0.60 -11.57
C LYS B 422 -28.36 -1.18 -10.19
N ASP B 423 -28.00 -2.45 -9.96
CA ASP B 423 -28.04 -2.99 -8.60
C ASP B 423 -26.91 -2.38 -7.75
N ALA B 424 -25.77 -2.11 -8.37
CA ALA B 424 -24.72 -1.37 -7.67
C ALA B 424 -25.11 0.08 -7.47
N ALA B 425 -25.85 0.66 -8.43
CA ALA B 425 -26.37 2.01 -8.26
C ALA B 425 -27.37 2.08 -7.13
N ARG B 426 -28.13 1.00 -6.89
CA ARG B 426 -29.09 0.99 -5.80
C ARG B 426 -28.38 0.89 -4.45
N MET B 427 -27.25 0.18 -4.40
CA MET B 427 -26.51 0.07 -3.16
C MET B 427 -25.87 1.40 -2.76
N VAL B 428 -25.32 2.13 -3.74
CA VAL B 428 -24.77 3.45 -3.45
C VAL B 428 -25.88 4.39 -2.99
N GLN B 429 -27.03 4.36 -3.66
CA GLN B 429 -28.15 5.20 -3.27
C GLN B 429 -28.61 4.90 -1.85
N GLN B 430 -28.62 3.62 -1.47
CA GLN B 430 -29.02 3.26 -0.11
C GLN B 430 -28.05 3.84 0.91
N LYS B 431 -26.76 3.50 0.80
CA LYS B 431 -25.79 3.90 1.81
C LYS B 431 -25.67 5.43 1.91
N VAL B 432 -25.73 6.12 0.76
CA VAL B 432 -25.56 7.57 0.78
C VAL B 432 -26.80 8.26 1.35
N ASN B 433 -27.99 7.77 0.98
CA ASN B 433 -29.22 8.38 1.48
C ASN B 433 -29.31 8.29 3.00
N LEU B 434 -28.87 7.17 3.57
CA LEU B 434 -28.87 7.03 5.02
C LEU B 434 -27.69 7.73 5.68
N PHE B 435 -26.64 8.06 4.92
CA PHE B 435 -25.59 8.90 5.46
C PHE B 435 -26.03 10.36 5.51
N LEU B 436 -26.82 10.80 4.53
CA LEU B 436 -27.24 12.19 4.50
C LEU B 436 -28.27 12.51 5.58
N ASN B 437 -29.10 11.54 5.94
CA ASN B 437 -30.16 11.79 6.91
C ASN B 437 -29.86 11.28 8.32
N GLU B 438 -28.62 10.88 8.59
CA GLU B 438 -28.28 10.31 9.92
C GLU B 438 -26.77 10.29 10.10
#